data_6ZGS
#
_entry.id   6ZGS
#
_cell.length_a   102.146
_cell.length_b   199.681
_cell.length_c   61.608
_cell.angle_alpha   90.000
_cell.angle_beta   90.000
_cell.angle_gamma   90.000
#
_symmetry.space_group_name_H-M   'P 21 21 2'
#
loop_
_entity.id
_entity.type
_entity.pdbx_description
1 polymer 'L-lactate transporter'
2 non-polymer 'HYDROCINNAMIC ACID'
3 water water
#
_entity_poly.entity_id   1
_entity_poly.type   'polypeptide(L)'
_entity_poly.pdbx_seq_one_letter_code
;MADQQTTMPRWVPLLLGLLGSTTCGMLLYAWSVFIKPLNAEFGWSRAEIAMAFAICCLIFGLMTFPAGRLSDKMGPRKVV
MTGGVLLAIGFILSGFIQSKYQLYITYGVIAGFGGGMIYLPPIATAPKWWPDRRALATGFAVVGLGLGSFLMGPLATYII
EKPGMGWRYVFWYCGVAMGIMALIAGAFLEPPPAGWKPAGYTPPAPPAGAAAPKVTRDWTYEEAKGDTKFWLLYLAYFCG
SFAGLMVIGHLAGFGRDAGLTAMAAAGAVSSLAFSNAATRILSGWFVDKIGIRVYFAALFALQTAAMIAIFQLGGSVVGL
SIVAIVIGWNYGAMFTLFPATCLQFYGPTAQGSNYGLLFTACGLAGFAGPWVGGWLKDTTGTYYLPFLCAAALCALGTAI
VFMTKPPEKKHALELEVLFQ
;
_entity_poly.pdbx_strand_id   A,B
#
# COMPACT_ATOMS: atom_id res chain seq x y z
N THR A 7 -4.77 14.82 -45.60
CA THR A 7 -3.51 14.09 -45.74
C THR A 7 -3.65 12.60 -45.37
N MET A 8 -2.93 12.14 -44.32
CA MET A 8 -2.96 10.69 -44.07
C MET A 8 -4.22 10.28 -43.31
N PRO A 9 -4.83 9.14 -43.66
CA PRO A 9 -6.02 8.69 -42.93
C PRO A 9 -5.73 8.46 -41.47
N ARG A 10 -6.62 8.95 -40.61
CA ARG A 10 -6.33 9.04 -39.19
C ARG A 10 -6.26 7.69 -38.49
N TRP A 11 -6.38 6.58 -39.21
CA TRP A 11 -6.13 5.28 -38.61
C TRP A 11 -4.70 4.82 -38.80
N VAL A 12 -3.97 5.45 -39.69
CA VAL A 12 -2.54 5.22 -39.76
C VAL A 12 -1.86 5.42 -38.41
N PRO A 13 -2.09 6.53 -37.69
CA PRO A 13 -1.56 6.62 -36.32
C PRO A 13 -1.79 5.39 -35.50
N LEU A 14 -3.00 4.83 -35.55
CA LEU A 14 -3.27 3.64 -34.76
C LEU A 14 -2.39 2.49 -35.20
N LEU A 15 -2.24 2.31 -36.51
CA LEU A 15 -1.39 1.23 -37.00
C LEU A 15 0.04 1.41 -36.51
N LEU A 16 0.49 2.66 -36.49
CA LEU A 16 1.85 2.96 -36.05
C LEU A 16 2.04 2.63 -34.58
N GLY A 17 1.09 3.04 -33.74
CA GLY A 17 1.20 2.72 -32.34
C GLY A 17 1.15 1.22 -32.09
N LEU A 18 0.33 0.52 -32.87
CA LEU A 18 0.35 -0.93 -32.80
C LEU A 18 1.75 -1.48 -33.09
N LEU A 19 2.43 -0.97 -34.14
CA LEU A 19 3.77 -1.47 -34.46
C LEU A 19 4.79 -1.18 -33.36
N GLY A 20 4.84 0.07 -32.90
CA GLY A 20 5.83 0.45 -31.89
C GLY A 20 5.61 -0.29 -30.57
N SER A 21 4.36 -0.35 -30.12
CA SER A 21 4.10 -1.07 -28.87
C SER A 21 4.35 -2.56 -29.03
N THR A 22 4.19 -3.11 -30.24
CA THR A 22 4.52 -4.51 -30.43
C THR A 22 6.02 -4.75 -30.30
N THR A 23 6.81 -3.86 -30.89
CA THR A 23 8.26 -3.90 -30.69
C THR A 23 8.61 -3.84 -29.19
N CYS A 24 7.94 -2.94 -28.44
CA CYS A 24 8.24 -2.82 -27.01
C CYS A 24 7.87 -4.08 -26.24
N GLY A 25 6.77 -4.71 -26.63
CA GLY A 25 6.40 -5.97 -26.02
C GLY A 25 7.41 -7.06 -26.30
N MET A 26 7.90 -7.13 -27.54
CA MET A 26 8.95 -8.09 -27.85
C MET A 26 10.16 -7.89 -26.96
N LEU A 27 10.61 -6.62 -26.83
CA LEU A 27 11.78 -6.31 -26.01
C LEU A 27 11.57 -6.74 -24.56
N LEU A 28 10.41 -6.39 -23.99
CA LEU A 28 10.15 -6.72 -22.60
C LEU A 28 9.85 -8.20 -22.38
N TYR A 29 9.57 -8.97 -23.44
CA TYR A 29 9.36 -10.40 -23.28
C TYR A 29 10.66 -11.22 -23.39
N ALA A 30 11.63 -10.76 -24.19
CA ALA A 30 12.85 -11.52 -24.47
C ALA A 30 13.58 -12.20 -23.29
N TRP A 31 13.62 -11.53 -22.14
CA TRP A 31 14.50 -11.97 -21.06
C TRP A 31 14.17 -13.40 -20.62
N SER A 32 12.87 -13.70 -20.54
CA SER A 32 12.48 -15.05 -20.14
C SER A 32 12.95 -16.06 -21.18
N VAL A 33 12.95 -15.66 -22.46
CA VAL A 33 13.53 -16.51 -23.51
C VAL A 33 14.97 -16.87 -23.19
N PHE A 34 15.72 -15.90 -22.68
CA PHE A 34 17.14 -16.19 -22.46
C PHE A 34 17.46 -16.75 -21.08
N ILE A 35 16.45 -16.99 -20.22
CA ILE A 35 16.75 -17.54 -18.88
C ILE A 35 17.55 -18.83 -18.98
N LYS A 36 17.08 -19.80 -19.79
CA LYS A 36 17.76 -21.10 -19.81
C LYS A 36 19.04 -21.10 -20.64
N PRO A 37 19.10 -20.47 -21.83
CA PRO A 37 20.36 -20.49 -22.60
C PRO A 37 21.53 -19.86 -21.85
N LEU A 38 21.32 -18.70 -21.23
CA LEU A 38 22.39 -18.03 -20.48
C LEU A 38 22.82 -18.83 -19.24
N ASN A 39 21.89 -19.57 -18.62
CA ASN A 39 22.31 -20.43 -17.51
C ASN A 39 23.08 -21.62 -18.03
N ALA A 40 22.84 -22.04 -19.29
CA ALA A 40 23.62 -23.14 -19.85
C ALA A 40 25.03 -22.69 -20.21
N GLU A 41 25.18 -21.50 -20.80
CA GLU A 41 26.53 -21.07 -21.22
C GLU A 41 27.38 -20.60 -20.05
N PHE A 42 26.80 -19.86 -19.11
CA PHE A 42 27.52 -19.32 -17.96
C PHE A 42 26.88 -19.84 -16.67
N GLY A 43 27.54 -19.58 -15.54
CA GLY A 43 26.97 -19.98 -14.25
C GLY A 43 25.91 -19.04 -13.73
N TRP A 44 25.08 -18.48 -14.64
CA TRP A 44 24.19 -17.36 -14.33
C TRP A 44 22.83 -17.84 -13.83
N SER A 45 22.42 -17.29 -12.68
CA SER A 45 21.18 -17.67 -12.05
C SER A 45 19.97 -17.08 -12.79
N ARG A 46 18.80 -17.61 -12.50
CA ARG A 46 17.59 -16.98 -13.02
C ARG A 46 17.50 -15.54 -12.51
N ALA A 47 17.76 -15.33 -11.21
CA ALA A 47 17.67 -13.99 -10.63
C ALA A 47 18.70 -13.05 -11.25
N GLU A 48 19.87 -13.56 -11.60
CA GLU A 48 20.89 -12.71 -12.22
C GLU A 48 20.41 -12.15 -13.56
N ILE A 49 19.69 -12.97 -14.35
CA ILE A 49 19.09 -12.55 -15.62
C ILE A 49 17.84 -11.70 -15.40
N ALA A 50 17.09 -12.04 -14.35
CA ALA A 50 15.94 -11.23 -13.97
C ALA A 50 16.38 -9.84 -13.57
N MET A 51 17.61 -9.71 -13.07
CA MET A 51 18.14 -8.37 -12.83
C MET A 51 18.21 -7.60 -14.14
N ALA A 52 18.58 -8.27 -15.24
CA ALA A 52 18.62 -7.58 -16.54
C ALA A 52 17.24 -7.11 -16.94
N PHE A 53 16.23 -7.95 -16.71
CA PHE A 53 14.87 -7.52 -17.02
C PHE A 53 14.41 -6.34 -16.15
N ALA A 54 14.67 -6.41 -14.84
CA ALA A 54 14.27 -5.34 -13.92
C ALA A 54 14.94 -4.01 -14.27
N ILE A 55 16.23 -4.04 -14.59
CA ILE A 55 16.90 -2.82 -15.05
C ILE A 55 16.23 -2.30 -16.32
N CYS A 56 15.87 -3.22 -17.23
CA CYS A 56 15.20 -2.78 -18.45
C CYS A 56 13.91 -2.02 -18.12
N CYS A 57 13.11 -2.57 -17.21
CA CYS A 57 11.86 -1.93 -16.83
C CYS A 57 12.11 -0.56 -16.17
N LEU A 58 13.11 -0.50 -15.29
CA LEU A 58 13.41 0.76 -14.63
C LEU A 58 13.75 1.83 -15.64
N ILE A 59 14.71 1.55 -16.54
CA ILE A 59 15.13 2.58 -17.50
C ILE A 59 14.00 2.91 -18.47
N PHE A 60 13.30 1.90 -18.97
CA PHE A 60 12.18 2.13 -19.89
C PHE A 60 11.15 3.07 -19.28
N GLY A 61 10.67 2.73 -18.09
CA GLY A 61 9.68 3.56 -17.43
C GLY A 61 10.23 4.95 -17.12
N LEU A 62 11.51 5.06 -16.76
CA LEU A 62 12.07 6.39 -16.51
C LEU A 62 12.16 7.20 -17.79
N MET A 63 12.69 6.61 -18.87
CA MET A 63 12.98 7.37 -20.10
C MET A 63 11.74 7.78 -20.86
N THR A 64 10.55 7.28 -20.51
CA THR A 64 9.35 7.88 -21.09
C THR A 64 9.26 9.38 -20.81
N PHE A 65 9.67 9.82 -19.60
CA PHE A 65 9.59 11.24 -19.26
C PHE A 65 10.42 12.11 -20.20
N PRO A 66 11.74 11.89 -20.37
CA PRO A 66 12.45 12.68 -21.38
C PRO A 66 11.85 12.47 -22.76
N ALA A 67 11.39 11.26 -23.06
CA ALA A 67 10.78 10.99 -24.36
C ALA A 67 9.54 11.85 -24.57
N GLY A 68 8.69 11.99 -23.54
CA GLY A 68 7.51 12.80 -23.71
C GLY A 68 7.83 14.29 -23.79
N ARG A 69 8.75 14.75 -22.95
CA ARG A 69 9.18 16.14 -23.09
C ARG A 69 9.74 16.40 -24.47
N LEU A 70 10.55 15.49 -25.01
CA LEU A 70 11.13 15.72 -26.33
C LEU A 70 10.10 15.55 -27.43
N SER A 71 9.14 14.64 -27.26
CA SER A 71 8.08 14.52 -28.25
C SER A 71 7.29 15.82 -28.31
N ASP A 72 6.99 16.39 -27.14
CA ASP A 72 6.29 17.67 -27.10
C ASP A 72 7.12 18.79 -27.72
N LYS A 73 8.43 18.82 -27.45
CA LYS A 73 9.22 19.96 -27.89
C LYS A 73 9.56 19.88 -29.38
N MET A 74 10.04 18.72 -29.86
CA MET A 74 10.52 18.60 -31.23
C MET A 74 9.78 17.54 -32.04
N GLY A 75 8.60 17.12 -31.58
CA GLY A 75 7.78 16.18 -32.33
C GLY A 75 8.09 14.74 -32.04
N PRO A 76 7.11 13.86 -32.28
CA PRO A 76 7.28 12.45 -31.91
C PRO A 76 8.14 11.64 -32.88
N ARG A 77 8.28 12.09 -34.13
CA ARG A 77 9.00 11.27 -35.12
C ARG A 77 10.47 11.12 -34.75
N LYS A 78 11.14 12.23 -34.47
CA LYS A 78 12.55 12.18 -34.08
C LYS A 78 12.76 11.28 -32.86
N VAL A 79 11.88 11.41 -31.85
CA VAL A 79 11.99 10.65 -30.60
C VAL A 79 11.85 9.14 -30.85
N VAL A 80 10.82 8.75 -31.60
CA VAL A 80 10.60 7.32 -31.82
C VAL A 80 11.71 6.71 -32.68
N MET A 81 12.21 7.45 -33.68
CA MET A 81 13.25 6.87 -34.52
C MET A 81 14.59 6.77 -33.79
N THR A 82 14.90 7.77 -32.95
CA THR A 82 16.07 7.65 -32.07
C THR A 82 15.94 6.48 -31.11
N GLY A 83 14.74 6.28 -30.57
CA GLY A 83 14.51 5.11 -29.73
C GLY A 83 14.72 3.82 -30.48
N GLY A 84 14.30 3.79 -31.75
CA GLY A 84 14.58 2.61 -32.57
C GLY A 84 16.06 2.36 -32.71
N VAL A 85 16.83 3.43 -32.90
CA VAL A 85 18.29 3.29 -32.96
C VAL A 85 18.83 2.73 -31.64
N LEU A 86 18.47 3.37 -30.51
CA LEU A 86 19.01 2.95 -29.21
C LEU A 86 18.64 1.51 -28.89
N LEU A 87 17.40 1.13 -29.15
CA LEU A 87 16.97 -0.22 -28.88
C LEU A 87 17.72 -1.21 -29.76
N ALA A 88 17.82 -0.91 -31.06
CA ALA A 88 18.56 -1.80 -31.97
C ALA A 88 19.98 -2.00 -31.48
N ILE A 89 20.64 -0.88 -31.13
CA ILE A 89 22.02 -0.94 -30.63
C ILE A 89 22.11 -1.83 -29.40
N GLY A 90 21.27 -1.58 -28.39
CA GLY A 90 21.39 -2.31 -27.13
C GLY A 90 21.07 -3.79 -27.26
N PHE A 91 20.02 -4.13 -28.01
CA PHE A 91 19.65 -5.54 -28.17
C PHE A 91 20.72 -6.29 -28.96
N ILE A 92 21.14 -5.71 -30.10
CA ILE A 92 22.15 -6.35 -30.93
C ILE A 92 23.44 -6.52 -30.16
N LEU A 93 23.82 -5.53 -29.36
CA LEU A 93 25.03 -5.67 -28.53
C LEU A 93 24.85 -6.72 -27.44
N SER A 94 23.64 -6.87 -26.90
CA SER A 94 23.40 -8.02 -26.05
C SER A 94 23.75 -9.30 -26.78
N GLY A 95 23.56 -9.32 -28.10
CA GLY A 95 24.01 -10.47 -28.88
C GLY A 95 25.48 -10.78 -28.72
N PHE A 96 26.30 -9.74 -28.56
CA PHE A 96 27.76 -9.87 -28.52
C PHE A 96 28.30 -9.84 -27.09
N ILE A 97 27.49 -10.16 -26.09
CA ILE A 97 27.94 -10.01 -24.71
C ILE A 97 28.75 -11.25 -24.30
N GLN A 98 29.48 -11.09 -23.20
CA GLN A 98 30.16 -12.19 -22.51
C GLN A 98 30.00 -12.15 -20.99
N SER A 99 29.49 -11.07 -20.40
CA SER A 99 29.39 -10.93 -18.96
C SER A 99 27.99 -10.49 -18.55
N LYS A 100 27.76 -10.51 -17.23
CA LYS A 100 26.48 -10.03 -16.69
C LYS A 100 26.34 -8.53 -16.88
N TYR A 101 27.33 -7.75 -16.45
CA TYR A 101 27.21 -6.30 -16.58
C TYR A 101 27.07 -5.86 -18.03
N GLN A 102 27.70 -6.57 -18.96
CA GLN A 102 27.46 -6.27 -20.36
C GLN A 102 26.00 -6.45 -20.72
N LEU A 103 25.37 -7.51 -20.21
CA LEU A 103 23.95 -7.72 -20.46
C LEU A 103 23.11 -6.63 -19.83
N TYR A 104 23.42 -6.26 -18.58
CA TYR A 104 22.71 -5.18 -17.91
C TYR A 104 22.81 -3.88 -18.69
N ILE A 105 23.97 -3.59 -19.23
CA ILE A 105 24.17 -2.35 -19.97
C ILE A 105 23.47 -2.42 -21.32
N THR A 106 23.72 -3.49 -22.08
CA THR A 106 23.18 -3.59 -23.43
C THR A 106 21.67 -3.76 -23.39
N TYR A 107 21.20 -4.82 -22.75
CA TYR A 107 19.77 -5.07 -22.72
C TYR A 107 19.05 -4.14 -21.76
N GLY A 108 19.53 -4.03 -20.53
CA GLY A 108 18.85 -3.22 -19.54
C GLY A 108 18.80 -1.74 -19.87
N VAL A 109 19.97 -1.10 -20.00
CA VAL A 109 20.02 0.35 -20.09
C VAL A 109 19.75 0.85 -21.51
N ILE A 110 20.57 0.40 -22.49
CA ILE A 110 20.44 0.91 -23.85
C ILE A 110 19.09 0.53 -24.46
N ALA A 111 18.81 -0.77 -24.52
CA ALA A 111 17.58 -1.23 -25.14
C ALA A 111 16.36 -0.66 -24.43
N GLY A 112 16.40 -0.60 -23.10
CA GLY A 112 15.27 -0.03 -22.36
C GLY A 112 15.10 1.46 -22.63
N PHE A 113 16.21 2.17 -22.78
CA PHE A 113 16.20 3.56 -23.18
C PHE A 113 15.43 3.73 -24.49
N GLY A 114 15.87 2.98 -25.52
CA GLY A 114 15.18 3.01 -26.81
C GLY A 114 13.72 2.61 -26.70
N GLY A 115 13.42 1.65 -25.82
CA GLY A 115 12.05 1.18 -25.69
C GLY A 115 11.11 2.25 -25.15
N GLY A 116 11.51 2.95 -24.08
CA GLY A 116 10.68 4.03 -23.56
C GLY A 116 10.47 5.13 -24.59
N MET A 117 11.54 5.47 -25.34
CA MET A 117 11.40 6.49 -26.37
C MET A 117 10.46 6.03 -27.51
N ILE A 118 10.41 4.72 -27.77
CA ILE A 118 9.42 4.19 -28.73
C ILE A 118 8.02 4.19 -28.14
N TYR A 119 7.90 3.78 -26.89
CA TYR A 119 6.60 3.52 -26.29
C TYR A 119 5.78 4.79 -26.15
N LEU A 120 6.40 5.89 -25.72
CA LEU A 120 5.55 6.99 -25.29
C LEU A 120 4.93 7.88 -26.39
N PRO A 121 5.71 8.34 -27.35
CA PRO A 121 5.20 9.36 -28.25
C PRO A 121 3.93 8.91 -28.97
N PRO A 122 3.83 7.66 -29.42
CA PRO A 122 2.55 7.24 -30.04
C PRO A 122 1.37 7.31 -29.08
N ILE A 123 1.59 6.94 -27.82
CA ILE A 123 0.52 7.07 -26.84
C ILE A 123 0.04 8.50 -26.76
N ALA A 124 0.95 9.47 -26.94
CA ALA A 124 0.53 10.87 -26.90
C ALA A 124 -0.02 11.38 -28.22
N THR A 125 0.33 10.74 -29.34
CA THR A 125 -0.05 11.27 -30.65
C THR A 125 -1.38 10.73 -31.14
N ALA A 126 -1.64 9.43 -30.95
CA ALA A 126 -2.83 8.81 -31.52
C ALA A 126 -4.14 9.46 -31.09
N PRO A 127 -4.39 9.72 -29.81
CA PRO A 127 -5.66 10.37 -29.45
C PRO A 127 -5.85 11.71 -30.11
N LYS A 128 -4.75 12.39 -30.49
CA LYS A 128 -4.89 13.65 -31.17
C LYS A 128 -5.58 13.49 -32.53
N TRP A 129 -5.46 12.32 -33.15
CA TRP A 129 -6.16 12.08 -34.39
C TRP A 129 -7.57 11.58 -34.13
N TRP A 130 -7.89 11.32 -32.86
CA TRP A 130 -9.14 10.68 -32.46
C TRP A 130 -9.71 11.37 -31.23
N PRO A 131 -10.15 12.63 -31.37
CA PRO A 131 -10.81 13.29 -30.23
C PRO A 131 -12.18 12.71 -29.92
N ASP A 132 -12.80 12.00 -30.85
CA ASP A 132 -14.06 11.32 -30.57
C ASP A 132 -13.87 9.98 -29.90
N ARG A 133 -12.68 9.39 -30.01
CA ARG A 133 -12.40 8.06 -29.44
C ARG A 133 -11.01 8.04 -28.79
N ARG A 134 -10.80 8.89 -27.76
CA ARG A 134 -9.44 9.06 -27.23
C ARG A 134 -8.93 7.79 -26.58
N ALA A 135 -9.78 7.13 -25.81
CA ALA A 135 -9.32 5.97 -25.08
C ALA A 135 -9.05 4.79 -26.02
N LEU A 136 -9.86 4.63 -27.06
CA LEU A 136 -9.59 3.57 -28.02
C LEU A 136 -8.28 3.83 -28.78
N ALA A 137 -8.04 5.09 -29.14
CA ALA A 137 -6.79 5.43 -29.80
C ALA A 137 -5.59 5.10 -28.91
N THR A 138 -5.65 5.51 -27.65
CA THR A 138 -4.62 5.14 -26.68
C THR A 138 -4.43 3.62 -26.61
N GLY A 139 -5.53 2.87 -26.57
CA GLY A 139 -5.41 1.41 -26.49
C GLY A 139 -4.68 0.83 -27.69
N PHE A 140 -4.92 1.39 -28.87
CA PHE A 140 -4.14 0.96 -30.02
C PHE A 140 -2.67 1.30 -29.84
N ALA A 141 -2.38 2.41 -29.16
CA ALA A 141 -0.98 2.72 -28.90
C ALA A 141 -0.32 1.73 -27.94
N VAL A 142 -1.08 0.99 -27.13
CA VAL A 142 -0.46 0.12 -26.13
C VAL A 142 -0.70 -1.38 -26.34
N VAL A 143 -1.60 -1.80 -27.25
CA VAL A 143 -1.93 -3.23 -27.30
C VAL A 143 -0.73 -4.08 -27.72
N GLY A 144 0.23 -3.47 -28.42
CA GLY A 144 1.40 -4.23 -28.83
C GLY A 144 2.17 -4.84 -27.67
N LEU A 145 2.08 -4.22 -26.47
CA LEU A 145 2.75 -4.84 -25.33
C LEU A 145 2.07 -6.13 -24.92
N GLY A 146 0.77 -6.27 -25.15
CA GLY A 146 0.17 -7.59 -24.99
C GLY A 146 0.42 -8.56 -26.13
N LEU A 147 0.76 -8.06 -27.31
CA LEU A 147 1.02 -8.93 -28.47
C LEU A 147 2.48 -9.37 -28.62
N GLY A 148 3.41 -8.66 -27.97
CA GLY A 148 4.82 -8.92 -28.18
C GLY A 148 5.27 -10.30 -27.77
N SER A 149 4.68 -10.85 -26.70
CA SER A 149 4.96 -12.22 -26.30
C SER A 149 4.62 -13.21 -27.42
N PHE A 150 3.38 -13.14 -27.93
CA PHE A 150 2.97 -14.05 -28.99
C PHE A 150 3.85 -13.93 -30.21
N LEU A 151 4.36 -12.74 -30.49
CA LEU A 151 5.24 -12.65 -31.66
C LEU A 151 6.62 -13.19 -31.37
N MET A 152 7.19 -12.87 -30.21
CA MET A 152 8.59 -13.20 -29.98
C MET A 152 8.79 -14.66 -29.59
N GLY A 153 7.92 -15.18 -28.72
CA GLY A 153 8.03 -16.54 -28.24
C GLY A 153 8.36 -17.57 -29.30
N PRO A 154 7.47 -17.74 -30.29
CA PRO A 154 7.78 -18.68 -31.38
C PRO A 154 9.02 -18.29 -32.15
N LEU A 155 9.22 -16.98 -32.35
CA LEU A 155 10.37 -16.50 -33.10
C LEU A 155 11.68 -16.83 -32.39
N ALA A 156 11.79 -16.44 -31.12
CA ALA A 156 13.00 -16.71 -30.36
C ALA A 156 13.25 -18.21 -30.18
N THR A 157 12.19 -19.01 -30.01
CA THR A 157 12.38 -20.46 -29.94
C THR A 157 12.96 -21.00 -31.24
N TYR A 158 12.38 -20.56 -32.36
CA TYR A 158 12.82 -21.00 -33.68
C TYR A 158 14.31 -20.72 -33.86
N ILE A 159 14.75 -19.51 -33.48
CA ILE A 159 16.16 -19.16 -33.69
C ILE A 159 17.09 -19.91 -32.72
N ILE A 160 16.69 -20.05 -31.45
CA ILE A 160 17.58 -20.69 -30.48
C ILE A 160 17.78 -22.16 -30.82
N GLU A 161 16.72 -22.86 -31.22
CA GLU A 161 16.85 -24.30 -31.45
C GLU A 161 17.47 -24.65 -32.80
N LYS A 162 17.54 -23.71 -33.74
CA LYS A 162 18.12 -24.03 -35.03
C LYS A 162 19.65 -24.17 -34.90
N PRO A 163 20.25 -25.15 -35.59
CA PRO A 163 21.64 -25.55 -35.30
C PRO A 163 22.69 -24.51 -35.64
N GLY A 164 22.59 -23.90 -36.81
CA GLY A 164 23.55 -22.87 -37.19
C GLY A 164 23.42 -21.57 -36.43
N MET A 165 22.42 -21.46 -35.56
CA MET A 165 22.02 -20.26 -34.84
C MET A 165 22.33 -20.42 -33.34
N GLY A 166 21.54 -19.78 -32.50
CA GLY A 166 21.76 -19.76 -31.07
C GLY A 166 21.03 -18.58 -30.46
N TRP A 167 21.23 -18.38 -29.16
CA TRP A 167 20.53 -17.28 -28.50
C TRP A 167 21.13 -15.94 -28.89
N ARG A 168 22.46 -15.87 -29.05
CA ARG A 168 23.05 -14.64 -29.55
C ARG A 168 22.45 -14.27 -30.90
N TYR A 169 22.09 -15.26 -31.69
CA TYR A 169 21.42 -15.02 -32.96
C TYR A 169 20.03 -14.44 -32.76
N VAL A 170 19.32 -14.86 -31.70
CA VAL A 170 18.06 -14.19 -31.34
C VAL A 170 18.31 -12.71 -31.11
N PHE A 171 19.27 -12.37 -30.26
CA PHE A 171 19.56 -10.95 -30.00
C PHE A 171 19.85 -10.22 -31.31
N TRP A 172 20.73 -10.76 -32.14
CA TRP A 172 21.16 -10.07 -33.36
C TRP A 172 20.01 -9.88 -34.36
N TYR A 173 19.41 -11.00 -34.79
CA TYR A 173 18.38 -10.92 -35.82
C TYR A 173 17.12 -10.23 -35.31
N CYS A 174 16.68 -10.58 -34.10
CA CYS A 174 15.51 -9.93 -33.55
C CYS A 174 15.76 -8.44 -33.29
N GLY A 175 17.01 -8.04 -33.03
CA GLY A 175 17.28 -6.64 -32.81
C GLY A 175 17.26 -5.84 -34.09
N VAL A 176 17.74 -6.45 -35.18
CA VAL A 176 17.54 -5.84 -36.50
C VAL A 176 16.05 -5.70 -36.81
N ALA A 177 15.29 -6.78 -36.60
CA ALA A 177 13.87 -6.77 -36.94
C ALA A 177 13.11 -5.70 -36.16
N MET A 178 13.42 -5.59 -34.86
CA MET A 178 12.73 -4.62 -34.01
C MET A 178 13.15 -3.19 -34.36
N GLY A 179 14.45 -2.97 -34.64
CA GLY A 179 14.87 -1.67 -35.13
C GLY A 179 14.14 -1.25 -36.39
N ILE A 180 13.92 -2.18 -37.31
CA ILE A 180 13.20 -1.85 -38.54
C ILE A 180 11.75 -1.48 -38.22
N MET A 181 11.06 -2.33 -37.45
CA MET A 181 9.67 -2.03 -37.14
C MET A 181 9.51 -0.68 -36.48
N ALA A 182 10.45 -0.33 -35.58
CA ALA A 182 10.38 0.94 -34.84
C ALA A 182 10.74 2.13 -35.72
N LEU A 183 11.70 1.96 -36.63
CA LEU A 183 11.97 3.06 -37.55
C LEU A 183 10.82 3.26 -38.52
N ILE A 184 10.17 2.17 -38.95
CA ILE A 184 9.00 2.30 -39.81
C ILE A 184 7.86 2.99 -39.08
N ALA A 185 7.66 2.63 -37.81
CA ALA A 185 6.63 3.27 -37.01
C ALA A 185 6.92 4.76 -36.80
N GLY A 186 8.14 5.09 -36.36
CA GLY A 186 8.48 6.47 -36.07
C GLY A 186 8.62 7.34 -37.30
N ALA A 187 8.82 6.74 -38.47
CA ALA A 187 8.95 7.52 -39.70
C ALA A 187 7.66 8.25 -40.04
N PHE A 188 6.50 7.60 -39.88
CA PHE A 188 5.23 8.14 -40.31
C PHE A 188 4.39 8.77 -39.19
N LEU A 189 5.00 9.08 -38.06
CA LEU A 189 4.22 9.56 -36.93
C LEU A 189 4.38 11.06 -36.76
N GLU A 190 3.24 11.75 -36.72
CA GLU A 190 3.21 13.19 -36.47
C GLU A 190 1.81 13.56 -36.04
N PRO A 191 1.65 14.60 -35.23
CA PRO A 191 0.31 15.03 -34.83
C PRO A 191 -0.47 15.49 -36.04
N PRO A 192 -1.77 15.76 -35.91
CA PRO A 192 -2.47 16.44 -37.00
C PRO A 192 -1.95 17.85 -37.14
N PRO A 193 -2.16 18.48 -38.30
CA PRO A 193 -1.57 19.80 -38.52
C PRO A 193 -2.11 20.83 -37.53
N ALA A 194 -1.30 21.88 -37.29
CA ALA A 194 -1.44 22.76 -36.14
C ALA A 194 -2.85 23.32 -35.95
N GLY A 195 -3.67 23.35 -37.00
CA GLY A 195 -4.95 24.03 -36.93
C GLY A 195 -6.21 23.20 -37.11
N TRP A 196 -6.40 22.62 -38.29
CA TRP A 196 -7.66 21.93 -38.57
C TRP A 196 -7.63 20.51 -38.01
N LYS A 197 -8.71 20.15 -37.34
CA LYS A 197 -8.78 18.89 -36.66
C LYS A 197 -9.65 17.92 -37.45
N PRO A 198 -9.11 16.73 -37.81
CA PRO A 198 -9.89 15.74 -38.57
C PRO A 198 -11.22 15.40 -37.92
N ALA A 199 -12.31 15.83 -38.57
CA ALA A 199 -13.62 15.69 -37.96
C ALA A 199 -14.69 15.73 -39.04
N GLY A 200 -15.74 14.93 -38.84
CA GLY A 200 -16.99 15.13 -39.56
C GLY A 200 -17.89 16.05 -38.76
N TYR A 201 -17.87 15.89 -37.43
CA TYR A 201 -18.61 16.70 -36.46
C TYR A 201 -17.65 17.17 -35.36
N THR A 202 -18.19 17.81 -34.34
CA THR A 202 -17.36 18.26 -33.22
C THR A 202 -18.03 18.04 -31.87
N PRO A 213 -17.55 35.96 -23.98
CA PRO A 213 -17.10 34.72 -24.65
C PRO A 213 -16.15 33.90 -23.76
N LYS A 214 -16.59 32.75 -23.27
CA LYS A 214 -15.72 31.96 -22.41
C LYS A 214 -14.77 31.13 -23.28
N VAL A 215 -13.49 31.04 -22.87
CA VAL A 215 -12.47 30.31 -23.63
C VAL A 215 -11.59 29.51 -22.69
N THR A 216 -11.64 28.17 -22.79
CA THR A 216 -10.77 27.33 -21.96
C THR A 216 -9.52 26.92 -22.74
N ARG A 217 -8.64 26.15 -22.10
CA ARG A 217 -7.40 25.68 -22.72
C ARG A 217 -6.86 24.49 -21.95
N ASP A 218 -6.04 23.70 -22.65
CA ASP A 218 -5.46 22.52 -22.01
C ASP A 218 -4.43 22.95 -20.96
N TRP A 219 -4.08 22.02 -20.07
CA TRP A 219 -3.06 22.34 -19.10
C TRP A 219 -1.66 22.23 -19.70
N THR A 220 -0.72 22.95 -19.09
CA THR A 220 0.69 22.88 -19.43
C THR A 220 1.40 21.86 -18.54
N TYR A 221 2.56 21.38 -19.00
CA TYR A 221 3.30 20.39 -18.19
C TYR A 221 3.53 20.92 -16.79
N GLU A 222 3.97 22.17 -16.69
CA GLU A 222 4.21 22.75 -15.37
C GLU A 222 2.93 22.88 -14.56
N GLU A 223 1.79 23.11 -15.22
CA GLU A 223 0.53 23.25 -14.51
C GLU A 223 0.04 21.91 -14.02
N ALA A 224 0.16 20.87 -14.86
CA ALA A 224 -0.31 19.56 -14.45
C ALA A 224 0.63 18.93 -13.43
N LYS A 225 1.94 19.03 -13.68
CA LYS A 225 2.98 18.55 -12.77
C LYS A 225 2.84 19.14 -11.37
N GLY A 226 2.15 20.26 -11.23
CA GLY A 226 1.89 20.91 -9.95
C GLY A 226 0.51 20.63 -9.37
N ASP A 227 -0.32 19.87 -10.07
CA ASP A 227 -1.65 19.56 -9.59
C ASP A 227 -1.54 18.44 -8.55
N THR A 228 -2.39 18.49 -7.52
CA THR A 228 -2.41 17.37 -6.58
C THR A 228 -3.04 16.14 -7.20
N LYS A 229 -4.01 16.32 -8.09
CA LYS A 229 -4.65 15.17 -8.76
C LYS A 229 -3.68 14.41 -9.66
N PHE A 230 -2.70 15.11 -10.25
CA PHE A 230 -1.70 14.37 -11.01
C PHE A 230 -1.02 13.37 -10.11
N TRP A 231 -0.64 13.80 -8.90
CA TRP A 231 0.09 12.89 -8.02
C TRP A 231 -0.81 11.86 -7.35
N LEU A 232 -2.09 12.15 -7.13
CA LEU A 232 -2.96 11.03 -6.74
C LEU A 232 -2.99 9.98 -7.83
N LEU A 233 -3.08 10.41 -9.11
CA LEU A 233 -3.02 9.43 -10.20
C LEU A 233 -1.70 8.68 -10.20
N TYR A 234 -0.61 9.39 -9.96
CA TYR A 234 0.70 8.76 -9.88
C TYR A 234 0.73 7.68 -8.82
N LEU A 235 0.18 8.02 -7.65
CA LEU A 235 0.13 7.04 -6.56
C LEU A 235 -0.69 5.84 -6.94
N ALA A 236 -1.86 6.08 -7.54
CA ALA A 236 -2.69 4.95 -7.93
C ALA A 236 -1.96 4.11 -8.96
N TYR A 237 -1.28 4.75 -9.90
CA TYR A 237 -0.59 4.00 -10.94
C TYR A 237 0.47 3.12 -10.32
N PHE A 238 1.28 3.70 -9.44
CA PHE A 238 2.30 2.92 -8.75
C PHE A 238 1.67 1.75 -8.01
N CYS A 239 0.56 2.00 -7.30
CA CYS A 239 -0.08 0.92 -6.55
C CYS A 239 -0.54 -0.23 -7.46
N GLY A 240 -1.31 0.07 -8.50
CA GLY A 240 -1.83 -1.02 -9.32
C GLY A 240 -0.72 -1.74 -10.07
N SER A 241 0.18 -0.96 -10.68
CA SER A 241 1.34 -1.52 -11.36
C SER A 241 2.13 -2.45 -10.43
N PHE A 242 2.37 -2.00 -9.19
CA PHE A 242 3.18 -2.76 -8.24
C PHE A 242 2.49 -4.05 -7.85
N ALA A 243 1.19 -4.00 -7.57
CA ALA A 243 0.44 -5.21 -7.19
C ALA A 243 0.53 -6.27 -8.29
N GLY A 244 0.24 -5.87 -9.53
CA GLY A 244 0.29 -6.84 -10.61
C GLY A 244 1.69 -7.43 -10.76
N LEU A 245 2.71 -6.57 -10.80
CA LEU A 245 4.04 -7.10 -11.02
C LEU A 245 4.52 -7.93 -9.82
N MET A 246 3.89 -7.77 -8.66
CA MET A 246 4.27 -8.53 -7.47
C MET A 246 3.68 -9.94 -7.48
N VAL A 247 2.49 -10.16 -8.04
CA VAL A 247 1.87 -11.48 -7.96
C VAL A 247 1.86 -12.26 -9.28
N ILE A 248 1.84 -11.58 -10.43
CA ILE A 248 1.67 -12.33 -11.69
C ILE A 248 2.74 -13.40 -11.82
N GLY A 249 3.98 -13.06 -11.48
CA GLY A 249 4.97 -14.10 -11.55
C GLY A 249 4.73 -15.25 -10.60
N HIS A 250 3.76 -15.13 -9.68
CA HIS A 250 3.53 -16.23 -8.73
C HIS A 250 2.31 -17.07 -9.04
N LEU A 251 1.47 -16.63 -9.98
CA LEU A 251 0.23 -17.39 -10.22
C LEU A 251 0.49 -18.89 -10.44
N ALA A 252 1.38 -19.24 -11.35
CA ALA A 252 1.52 -20.68 -11.66
C ALA A 252 2.07 -21.43 -10.46
N GLY A 253 3.01 -20.82 -9.72
CA GLY A 253 3.51 -21.45 -8.50
C GLY A 253 2.42 -21.65 -7.47
N PHE A 254 1.49 -20.70 -7.38
CA PHE A 254 0.35 -20.89 -6.49
C PHE A 254 -0.40 -22.15 -6.89
N GLY A 255 -0.65 -22.29 -8.20
CA GLY A 255 -1.29 -23.51 -8.66
C GLY A 255 -0.53 -24.77 -8.27
N ARG A 256 0.76 -24.84 -8.60
CA ARG A 256 1.49 -26.08 -8.28
C ARG A 256 1.48 -26.31 -6.77
N ASP A 257 1.62 -25.25 -5.97
CA ASP A 257 1.55 -25.46 -4.53
C ASP A 257 0.17 -25.97 -4.12
N ALA A 258 -0.87 -25.68 -4.91
CA ALA A 258 -2.22 -26.19 -4.59
C ALA A 258 -2.45 -27.61 -5.07
N GLY A 259 -1.53 -28.20 -5.83
CA GLY A 259 -1.64 -29.60 -6.17
C GLY A 259 -1.68 -29.88 -7.66
N LEU A 260 -1.74 -28.84 -8.49
CA LEU A 260 -1.79 -29.03 -9.93
C LEU A 260 -0.43 -29.41 -10.50
N THR A 261 -0.46 -30.18 -11.56
CA THR A 261 0.77 -30.40 -12.30
C THR A 261 1.26 -29.08 -12.85
N ALA A 262 2.58 -29.00 -13.05
CA ALA A 262 3.17 -27.80 -13.62
C ALA A 262 2.56 -27.47 -14.98
N MET A 263 2.35 -28.48 -15.81
CA MET A 263 1.71 -28.32 -17.11
C MET A 263 0.34 -27.68 -16.96
N ALA A 264 -0.47 -28.19 -16.05
CA ALA A 264 -1.84 -27.71 -15.88
C ALA A 264 -1.86 -26.31 -15.33
N ALA A 265 -1.03 -26.04 -14.32
CA ALA A 265 -0.94 -24.66 -13.81
C ALA A 265 -0.48 -23.71 -14.90
N ALA A 266 0.48 -24.13 -15.72
CA ALA A 266 0.95 -23.20 -16.74
C ALA A 266 -0.13 -22.90 -17.76
N GLY A 267 -0.86 -23.93 -18.20
CA GLY A 267 -1.99 -23.70 -19.10
C GLY A 267 -2.98 -22.71 -18.50
N ALA A 268 -3.37 -22.94 -17.25
CA ALA A 268 -4.36 -22.05 -16.64
C ALA A 268 -3.89 -20.63 -16.66
N VAL A 269 -2.67 -20.40 -16.18
CA VAL A 269 -2.21 -19.01 -16.09
C VAL A 269 -2.05 -18.38 -17.47
N SER A 270 -1.82 -19.18 -18.52
CA SER A 270 -1.56 -18.55 -19.82
C SER A 270 -2.74 -17.72 -20.32
N SER A 271 -3.94 -17.90 -19.80
CA SER A 271 -5.04 -17.06 -20.30
C SER A 271 -4.80 -15.59 -19.98
N LEU A 272 -3.89 -15.30 -19.05
CA LEU A 272 -3.61 -13.91 -18.71
C LEU A 272 -3.13 -13.10 -19.90
N ALA A 273 -2.41 -13.73 -20.82
CA ALA A 273 -1.92 -12.99 -21.99
C ALA A 273 -3.08 -12.50 -22.85
N PHE A 274 -4.06 -13.37 -23.10
CA PHE A 274 -5.21 -12.97 -23.92
C PHE A 274 -5.98 -11.83 -23.27
N SER A 275 -6.25 -11.94 -21.97
CA SER A 275 -7.05 -10.85 -21.43
C SER A 275 -6.21 -9.59 -21.31
N ASN A 276 -4.91 -9.74 -20.98
CA ASN A 276 -4.02 -8.59 -20.89
C ASN A 276 -3.96 -7.85 -22.20
N ALA A 277 -4.00 -8.57 -23.32
CA ALA A 277 -4.04 -7.88 -24.62
C ALA A 277 -5.41 -7.29 -24.89
N ALA A 278 -6.47 -8.09 -24.77
CA ALA A 278 -7.82 -7.65 -25.18
C ALA A 278 -8.28 -6.43 -24.40
N THR A 279 -8.06 -6.42 -23.08
CA THR A 279 -8.55 -5.31 -22.27
C THR A 279 -8.04 -3.98 -22.77
N ARG A 280 -6.85 -3.96 -23.38
CA ARG A 280 -6.27 -2.69 -23.77
C ARG A 280 -7.10 -2.00 -24.81
N ILE A 281 -7.71 -2.77 -25.71
CA ILE A 281 -8.58 -2.18 -26.74
C ILE A 281 -9.99 -2.02 -26.23
N LEU A 282 -10.49 -3.10 -25.61
CA LEU A 282 -11.89 -3.15 -25.23
C LEU A 282 -12.22 -2.11 -24.17
N SER A 283 -11.38 -1.99 -23.13
CA SER A 283 -11.61 -1.00 -22.08
C SER A 283 -11.60 0.41 -22.63
N GLY A 284 -10.69 0.69 -23.58
CA GLY A 284 -10.72 1.99 -24.21
C GLY A 284 -12.04 2.25 -24.90
N TRP A 285 -12.51 1.26 -25.65
CA TRP A 285 -13.81 1.46 -26.30
C TRP A 285 -14.91 1.69 -25.26
N PHE A 286 -14.93 0.88 -24.20
CA PHE A 286 -15.96 1.01 -23.18
C PHE A 286 -15.96 2.42 -22.59
N VAL A 287 -14.80 2.87 -22.12
CA VAL A 287 -14.80 4.17 -21.43
C VAL A 287 -15.02 5.30 -22.40
N ASP A 288 -14.66 5.12 -23.68
CA ASP A 288 -15.08 6.12 -24.66
C ASP A 288 -16.60 6.22 -24.64
N LYS A 289 -17.28 5.07 -24.49
CA LYS A 289 -18.74 5.11 -24.53
C LYS A 289 -19.35 5.64 -23.23
N ILE A 290 -18.89 5.22 -22.04
CA ILE A 290 -19.61 5.45 -20.79
C ILE A 290 -18.85 6.30 -19.77
N GLY A 291 -17.63 6.74 -20.05
CA GLY A 291 -16.84 7.52 -19.11
C GLY A 291 -15.85 6.63 -18.35
N ILE A 292 -14.83 7.27 -17.78
CA ILE A 292 -13.67 6.51 -17.30
C ILE A 292 -13.80 6.11 -15.84
N ARG A 293 -14.16 7.06 -14.98
CA ARG A 293 -13.86 6.91 -13.56
C ARG A 293 -14.49 5.66 -12.95
N VAL A 294 -15.77 5.42 -13.22
CA VAL A 294 -16.45 4.36 -12.48
C VAL A 294 -15.95 2.99 -12.92
N TYR A 295 -15.89 2.75 -14.24
CA TYR A 295 -15.35 1.50 -14.75
C TYR A 295 -13.92 1.27 -14.27
N PHE A 296 -13.12 2.34 -14.30
CA PHE A 296 -11.74 2.26 -13.82
C PHE A 296 -11.69 1.79 -12.37
N ALA A 297 -12.42 2.48 -11.48
CA ALA A 297 -12.47 2.07 -10.09
C ALA A 297 -12.96 0.64 -9.92
N ALA A 298 -13.93 0.24 -10.75
CA ALA A 298 -14.42 -1.13 -10.59
C ALA A 298 -13.33 -2.12 -10.97
N LEU A 299 -12.55 -1.81 -11.99
CA LEU A 299 -11.43 -2.68 -12.32
C LEU A 299 -10.46 -2.82 -11.15
N PHE A 300 -10.08 -1.70 -10.52
CA PHE A 300 -9.18 -1.83 -9.36
C PHE A 300 -9.82 -2.64 -8.26
N ALA A 301 -11.11 -2.42 -8.01
CA ALA A 301 -11.78 -3.16 -6.94
C ALA A 301 -11.79 -4.64 -7.25
N LEU A 302 -12.16 -4.99 -8.48
CA LEU A 302 -12.15 -6.38 -8.91
C LEU A 302 -10.75 -6.97 -8.80
N GLN A 303 -9.73 -6.16 -9.02
CA GLN A 303 -8.35 -6.61 -8.84
C GLN A 303 -8.07 -6.91 -7.36
N THR A 304 -8.60 -6.06 -6.48
CA THR A 304 -8.53 -6.34 -5.04
C THR A 304 -9.16 -7.68 -4.73
N ALA A 305 -10.39 -7.86 -5.21
CA ALA A 305 -11.09 -9.12 -4.97
C ALA A 305 -10.30 -10.28 -5.50
N ALA A 306 -9.65 -10.14 -6.66
CA ALA A 306 -8.93 -11.28 -7.24
C ALA A 306 -7.73 -11.66 -6.38
N MET A 307 -6.99 -10.66 -5.89
CA MET A 307 -5.88 -10.97 -5.01
C MET A 307 -6.37 -11.76 -3.82
N ILE A 308 -7.58 -11.46 -3.32
CA ILE A 308 -8.09 -12.26 -2.20
C ILE A 308 -8.60 -13.61 -2.68
N ALA A 309 -9.34 -13.61 -3.78
CA ALA A 309 -10.08 -14.75 -4.27
C ALA A 309 -9.16 -15.88 -4.68
N ILE A 310 -7.91 -15.58 -5.02
CA ILE A 310 -7.07 -16.71 -5.41
C ILE A 310 -6.98 -17.73 -4.29
N PHE A 311 -7.09 -17.32 -3.04
CA PHE A 311 -6.97 -18.36 -2.00
C PHE A 311 -8.17 -19.28 -1.97
N GLN A 312 -9.26 -18.93 -2.64
CA GLN A 312 -10.39 -19.85 -2.75
C GLN A 312 -10.52 -20.48 -4.12
N LEU A 313 -10.14 -19.78 -5.19
CA LEU A 313 -10.27 -20.29 -6.55
C LEU A 313 -8.99 -20.89 -7.13
N GLY A 314 -7.84 -20.60 -6.56
CA GLY A 314 -6.59 -20.88 -7.24
C GLY A 314 -6.18 -22.34 -7.28
N GLY A 315 -6.95 -23.24 -6.72
CA GLY A 315 -6.55 -24.65 -6.62
C GLY A 315 -7.05 -25.55 -7.73
N SER A 316 -7.66 -25.00 -8.79
CA SER A 316 -8.18 -25.80 -9.89
C SER A 316 -7.90 -25.07 -11.18
N VAL A 317 -7.76 -25.81 -12.27
CA VAL A 317 -7.49 -25.17 -13.55
C VAL A 317 -8.56 -24.14 -13.87
N VAL A 318 -9.84 -24.45 -13.60
CA VAL A 318 -10.89 -23.48 -13.94
C VAL A 318 -10.76 -22.23 -13.08
N GLY A 319 -10.60 -22.43 -11.77
CA GLY A 319 -10.47 -21.26 -10.90
C GLY A 319 -9.24 -20.45 -11.20
N LEU A 320 -8.08 -21.11 -11.25
CA LEU A 320 -6.85 -20.38 -11.53
C LEU A 320 -6.96 -19.64 -12.84
N SER A 321 -7.61 -20.23 -13.83
CA SER A 321 -7.80 -19.49 -15.09
C SER A 321 -8.63 -18.25 -14.88
N ILE A 322 -9.71 -18.35 -14.09
CA ILE A 322 -10.54 -17.17 -13.88
C ILE A 322 -9.72 -16.07 -13.25
N VAL A 323 -8.94 -16.43 -12.24
CA VAL A 323 -8.10 -15.44 -11.57
C VAL A 323 -7.09 -14.85 -12.54
N ALA A 324 -6.44 -15.70 -13.34
CA ALA A 324 -5.45 -15.18 -14.28
C ALA A 324 -6.12 -14.24 -15.27
N ILE A 325 -7.28 -14.64 -15.81
CA ILE A 325 -7.95 -13.80 -16.78
C ILE A 325 -8.33 -12.46 -16.18
N VAL A 326 -8.91 -12.48 -14.97
CA VAL A 326 -9.31 -11.22 -14.32
C VAL A 326 -8.09 -10.34 -14.06
N ILE A 327 -7.05 -10.94 -13.45
CA ILE A 327 -5.85 -10.19 -13.16
C ILE A 327 -5.31 -9.56 -14.42
N GLY A 328 -5.28 -10.33 -15.51
CA GLY A 328 -4.83 -9.76 -16.79
C GLY A 328 -5.73 -8.63 -17.26
N TRP A 329 -7.06 -8.76 -17.05
CA TRP A 329 -7.98 -7.74 -17.56
C TRP A 329 -7.69 -6.41 -16.89
N ASN A 330 -7.61 -6.43 -15.54
CA ASN A 330 -7.39 -5.20 -14.76
C ASN A 330 -5.99 -4.63 -14.94
N TYR A 331 -4.97 -5.49 -14.92
CA TYR A 331 -3.60 -5.03 -15.12
C TYR A 331 -3.48 -4.31 -16.45
N GLY A 332 -3.79 -5.03 -17.55
CA GLY A 332 -3.66 -4.40 -18.86
C GLY A 332 -4.50 -3.14 -19.01
N ALA A 333 -5.69 -3.10 -18.36
CA ALA A 333 -6.52 -1.90 -18.54
C ALA A 333 -5.86 -0.67 -17.97
N MET A 334 -5.00 -0.82 -16.95
CA MET A 334 -4.33 0.37 -16.41
C MET A 334 -3.60 1.16 -17.51
N PHE A 335 -2.96 0.46 -18.46
CA PHE A 335 -2.12 1.21 -19.40
C PHE A 335 -2.91 1.94 -20.48
N THR A 336 -4.22 1.75 -20.54
CA THR A 336 -5.04 2.62 -21.36
C THR A 336 -5.75 3.65 -20.53
N LEU A 337 -6.22 3.25 -19.35
CA LEU A 337 -7.11 4.12 -18.59
C LEU A 337 -6.34 5.23 -17.90
N PHE A 338 -5.11 4.96 -17.42
CA PHE A 338 -4.34 6.07 -16.88
C PHE A 338 -4.00 7.13 -17.95
N PRO A 339 -3.50 6.79 -19.15
CA PRO A 339 -3.34 7.84 -20.17
C PRO A 339 -4.66 8.48 -20.59
N ALA A 340 -5.75 7.72 -20.66
CA ALA A 340 -7.03 8.34 -21.01
C ALA A 340 -7.47 9.32 -19.93
N THR A 341 -7.33 8.91 -18.65
CA THR A 341 -7.72 9.79 -17.55
C THR A 341 -6.88 11.05 -17.54
N CYS A 342 -5.57 10.91 -17.72
CA CYS A 342 -4.68 12.07 -17.80
C CYS A 342 -5.08 12.99 -18.96
N LEU A 343 -5.47 12.41 -20.09
CA LEU A 343 -5.98 13.19 -21.22
C LEU A 343 -7.25 13.97 -20.83
N GLN A 344 -8.16 13.32 -20.11
CA GLN A 344 -9.37 14.01 -19.67
C GLN A 344 -9.04 15.14 -18.71
N PHE A 345 -8.09 14.94 -17.80
CA PHE A 345 -7.78 15.97 -16.80
C PHE A 345 -7.09 17.16 -17.42
N TYR A 346 -6.09 16.92 -18.27
CA TYR A 346 -5.22 18.00 -18.67
C TYR A 346 -5.23 18.31 -20.15
N GLY A 347 -5.82 17.46 -20.99
CA GLY A 347 -5.90 17.74 -22.40
C GLY A 347 -4.69 17.24 -23.15
N PRO A 348 -4.80 17.17 -24.49
CA PRO A 348 -3.77 16.49 -25.28
C PRO A 348 -2.53 17.32 -25.58
N THR A 349 -2.60 18.64 -25.51
CA THR A 349 -1.49 19.45 -25.99
C THR A 349 -0.19 19.08 -25.26
N ALA A 350 -0.25 18.96 -23.93
CA ALA A 350 0.94 18.57 -23.18
C ALA A 350 0.87 17.13 -22.70
N GLN A 351 0.09 16.29 -23.40
CA GLN A 351 -0.07 14.90 -23.02
C GLN A 351 1.26 14.14 -23.08
N GLY A 352 2.15 14.52 -23.97
CA GLY A 352 3.49 13.93 -24.01
C GLY A 352 4.19 14.10 -22.68
N SER A 353 4.32 15.36 -22.22
CA SER A 353 4.99 15.62 -20.95
C SER A 353 4.22 15.07 -19.75
N ASN A 354 2.93 15.37 -19.65
CA ASN A 354 2.12 14.88 -18.54
C ASN A 354 2.22 13.36 -18.42
N TYR A 355 1.91 12.64 -19.50
CA TYR A 355 1.87 11.18 -19.34
C TYR A 355 3.28 10.59 -19.29
N GLY A 356 4.28 11.23 -19.90
CA GLY A 356 5.63 10.73 -19.72
C GLY A 356 6.04 10.73 -18.26
N LEU A 357 5.84 11.86 -17.59
CA LEU A 357 6.09 11.92 -16.15
C LEU A 357 5.29 10.85 -15.42
N LEU A 358 3.99 10.73 -15.74
CA LEU A 358 3.16 9.80 -14.98
C LEU A 358 3.62 8.35 -15.12
N PHE A 359 4.19 7.98 -16.27
CA PHE A 359 4.55 6.57 -16.42
C PHE A 359 5.79 6.18 -15.61
N THR A 360 6.60 7.16 -15.18
CA THR A 360 7.73 6.85 -14.30
C THR A 360 7.29 6.05 -13.08
N ALA A 361 6.03 6.23 -12.65
CA ALA A 361 5.47 5.37 -11.62
C ALA A 361 5.65 3.90 -12.00
N CYS A 362 5.33 3.55 -13.25
CA CYS A 362 5.51 2.19 -13.73
C CYS A 362 6.97 1.80 -13.84
N GLY A 363 7.82 2.75 -14.18
CA GLY A 363 9.25 2.43 -14.18
C GLY A 363 9.70 1.90 -12.84
N LEU A 364 9.31 2.60 -11.76
CA LEU A 364 9.67 2.18 -10.41
C LEU A 364 8.96 0.89 -10.00
N ALA A 365 7.67 0.78 -10.28
CA ALA A 365 6.98 -0.47 -9.97
C ALA A 365 7.64 -1.63 -10.69
N GLY A 366 8.04 -1.44 -11.94
CA GLY A 366 8.65 -2.53 -12.67
C GLY A 366 9.96 -2.92 -12.03
N PHE A 367 10.70 -1.95 -11.54
CA PHE A 367 11.96 -2.30 -10.90
C PHE A 367 11.72 -3.13 -9.64
N ALA A 368 10.79 -2.71 -8.79
CA ALA A 368 10.76 -3.25 -7.44
C ALA A 368 9.72 -4.35 -7.23
N GLY A 369 8.56 -4.25 -7.87
CA GLY A 369 7.45 -5.14 -7.57
C GLY A 369 7.82 -6.61 -7.58
N PRO A 370 8.36 -7.11 -8.70
CA PRO A 370 8.65 -8.55 -8.75
C PRO A 370 9.58 -8.97 -7.65
N TRP A 371 10.62 -8.17 -7.42
CA TRP A 371 11.57 -8.54 -6.37
C TRP A 371 10.86 -8.61 -5.03
N VAL A 372 10.05 -7.60 -4.71
CA VAL A 372 9.42 -7.53 -3.39
C VAL A 372 8.46 -8.69 -3.19
N GLY A 373 7.69 -9.03 -4.23
CA GLY A 373 6.83 -10.20 -4.14
C GLY A 373 7.62 -11.47 -3.86
N GLY A 374 8.76 -11.64 -4.54
CA GLY A 374 9.56 -12.83 -4.29
C GLY A 374 10.10 -12.87 -2.88
N TRP A 375 10.56 -11.72 -2.39
CA TRP A 375 11.09 -11.65 -1.05
C TRP A 375 10.02 -11.94 -0.01
N LEU A 376 8.81 -11.42 -0.21
CA LEU A 376 7.73 -11.72 0.72
C LEU A 376 7.41 -13.20 0.75
N LYS A 377 7.35 -13.83 -0.43
CA LYS A 377 7.10 -15.26 -0.45
C LYS A 377 8.21 -16.01 0.28
N ASP A 378 9.47 -15.78 -0.14
CA ASP A 378 10.59 -16.55 0.43
C ASP A 378 10.81 -16.25 1.90
N THR A 379 10.47 -15.05 2.35
CA THR A 379 10.49 -14.75 3.79
C THR A 379 9.47 -15.60 4.52
N THR A 380 8.22 -15.59 4.05
CA THR A 380 7.17 -16.31 4.77
C THR A 380 7.03 -17.77 4.36
N GLY A 381 7.52 -18.16 3.19
CA GLY A 381 7.29 -19.47 2.63
C GLY A 381 5.90 -19.71 2.08
N THR A 382 5.03 -18.70 2.10
CA THR A 382 3.65 -18.85 1.66
C THR A 382 3.27 -17.63 0.81
N TYR A 383 2.12 -17.74 0.13
CA TYR A 383 1.68 -16.68 -0.78
C TYR A 383 0.78 -15.64 -0.11
N TYR A 384 0.37 -15.86 1.14
CA TYR A 384 -0.54 -14.95 1.83
C TYR A 384 0.01 -13.53 1.86
N LEU A 385 1.29 -13.36 2.24
CA LEU A 385 1.79 -12.00 2.38
C LEU A 385 1.81 -11.24 1.07
N PRO A 386 2.42 -11.74 -0.01
CA PRO A 386 2.40 -10.92 -1.24
C PRO A 386 1.00 -10.66 -1.75
N PHE A 387 0.14 -11.66 -1.76
CA PHE A 387 -1.18 -11.39 -2.32
C PHE A 387 -1.97 -10.46 -1.41
N LEU A 388 -1.79 -10.57 -0.09
CA LEU A 388 -2.46 -9.64 0.82
C LEU A 388 -1.96 -8.22 0.59
N CYS A 389 -0.64 -8.03 0.42
CA CYS A 389 -0.13 -6.68 0.15
C CYS A 389 -0.65 -6.15 -1.17
N ALA A 390 -0.65 -6.98 -2.20
CA ALA A 390 -1.19 -6.55 -3.49
C ALA A 390 -2.66 -6.12 -3.35
N ALA A 391 -3.44 -6.89 -2.57
CA ALA A 391 -4.84 -6.52 -2.36
C ALA A 391 -4.95 -5.16 -1.70
N ALA A 392 -4.14 -4.92 -0.67
CA ALA A 392 -4.16 -3.60 -0.02
C ALA A 392 -3.81 -2.50 -1.02
N LEU A 393 -2.78 -2.72 -1.85
CA LEU A 393 -2.41 -1.69 -2.82
C LEU A 393 -3.52 -1.43 -3.81
N CYS A 394 -4.17 -2.49 -4.29
CA CYS A 394 -5.30 -2.33 -5.21
C CYS A 394 -6.50 -1.67 -4.51
N ALA A 395 -6.66 -1.90 -3.21
CA ALA A 395 -7.73 -1.21 -2.47
C ALA A 395 -7.45 0.26 -2.38
N LEU A 396 -6.20 0.63 -2.07
CA LEU A 396 -5.84 2.05 -2.10
C LEU A 396 -6.09 2.66 -3.47
N GLY A 397 -5.69 1.94 -4.53
CA GLY A 397 -5.90 2.47 -5.86
C GLY A 397 -7.37 2.66 -6.17
N THR A 398 -8.20 1.68 -5.79
CA THR A 398 -9.64 1.81 -5.93
C THR A 398 -10.10 3.11 -5.28
N ALA A 399 -9.68 3.33 -4.03
CA ALA A 399 -10.09 4.54 -3.33
C ALA A 399 -9.68 5.77 -4.09
N ILE A 400 -8.41 5.83 -4.49
CA ILE A 400 -7.93 7.03 -5.17
C ILE A 400 -8.68 7.23 -6.49
N VAL A 401 -8.78 6.19 -7.29
CA VAL A 401 -9.34 6.37 -8.62
C VAL A 401 -10.80 6.74 -8.52
N PHE A 402 -11.52 6.16 -7.56
CA PHE A 402 -12.93 6.48 -7.43
C PHE A 402 -13.13 7.89 -6.90
N MET A 403 -12.29 8.33 -5.98
CA MET A 403 -12.54 9.63 -5.38
C MET A 403 -11.99 10.79 -6.22
N THR A 404 -11.21 10.54 -7.27
CA THR A 404 -10.52 11.62 -7.97
C THR A 404 -11.26 12.00 -9.25
N LYS A 405 -11.95 13.19 -9.23
CA LYS A 405 -12.68 13.79 -10.34
C LYS A 405 -11.83 14.88 -11.01
N PRO A 406 -12.09 15.17 -12.29
CA PRO A 406 -11.20 16.07 -13.05
C PRO A 406 -11.04 17.42 -12.38
N PRO A 407 -9.90 18.07 -12.58
CA PRO A 407 -9.72 19.44 -12.09
C PRO A 407 -10.50 20.40 -12.97
N GLU A 408 -10.59 21.66 -12.52
CA GLU A 408 -11.31 22.68 -13.28
C GLU A 408 -10.58 22.98 -14.58
N LYS A 409 -11.36 23.17 -15.65
CA LYS A 409 -10.74 23.53 -16.91
C LYS A 409 -10.17 24.94 -16.81
N LYS A 410 -9.08 25.18 -17.56
CA LYS A 410 -8.37 26.45 -17.43
C LYS A 410 -8.98 27.52 -18.32
N HIS A 411 -9.23 28.71 -17.75
CA HIS A 411 -9.53 29.92 -18.52
C HIS A 411 -8.25 30.33 -19.28
N ALA A 412 -8.41 30.82 -20.52
CA ALA A 412 -7.26 31.33 -21.29
C ALA A 412 -7.45 32.82 -21.56
N LEU A 413 -7.25 33.62 -20.51
CA LEU A 413 -7.54 35.04 -20.60
C LEU A 413 -6.72 35.70 -21.72
N GLU A 414 -5.55 35.15 -22.04
CA GLU A 414 -4.78 35.73 -23.13
C GLU A 414 -5.52 35.57 -24.47
N LEU A 415 -6.19 34.43 -24.67
CA LEU A 415 -7.09 34.30 -25.81
C LEU A 415 -8.41 35.00 -25.56
N GLU A 416 -8.83 35.07 -24.30
CA GLU A 416 -10.17 35.58 -24.00
C GLU A 416 -10.27 37.06 -24.23
N VAL A 417 -9.19 37.81 -24.01
CA VAL A 417 -9.22 39.26 -24.19
C VAL A 417 -9.26 39.67 -25.65
N LEU A 418 -8.96 38.75 -26.57
CA LEU A 418 -8.95 39.02 -28.00
C LEU A 418 -10.32 39.40 -28.56
N PHE A 419 -11.37 39.29 -27.76
CA PHE A 419 -12.73 39.57 -28.22
C PHE A 419 -13.10 41.01 -27.89
N GLN A 420 -13.21 41.83 -28.93
CA GLN A 420 -13.16 43.31 -28.91
C GLN A 420 -12.54 43.93 -27.68
N PRO B 13 -19.46 1.72 38.21
CA PRO B 13 -18.96 0.44 37.68
C PRO B 13 -18.00 0.68 36.54
N LEU B 14 -18.36 1.60 35.64
CA LEU B 14 -17.46 2.00 34.57
C LEU B 14 -16.19 2.59 35.12
N LEU B 15 -16.30 3.30 36.26
CA LEU B 15 -15.14 3.93 36.88
C LEU B 15 -14.02 2.92 37.12
N LEU B 16 -14.38 1.66 37.36
CA LEU B 16 -13.37 0.61 37.52
C LEU B 16 -12.53 0.45 36.26
N GLY B 17 -13.19 0.35 35.11
CA GLY B 17 -12.47 0.24 33.85
C GLY B 17 -11.69 1.50 33.53
N LEU B 18 -12.25 2.66 33.88
CA LEU B 18 -11.49 3.90 33.72
C LEU B 18 -10.17 3.85 34.52
N LEU B 19 -10.22 3.39 35.78
CA LEU B 19 -8.98 3.29 36.57
C LEU B 19 -8.02 2.26 35.99
N GLY B 20 -8.53 1.08 35.62
CA GLY B 20 -7.64 0.06 35.07
C GLY B 20 -6.98 0.49 33.78
N SER B 21 -7.77 1.05 32.85
CA SER B 21 -7.22 1.50 31.58
C SER B 21 -6.33 2.72 31.74
N THR B 22 -6.60 3.57 32.72
CA THR B 22 -5.72 4.70 33.01
C THR B 22 -4.36 4.21 33.50
N THR B 23 -4.37 3.19 34.37
CA THR B 23 -3.14 2.53 34.75
C THR B 23 -2.42 1.96 33.53
N CYS B 24 -3.17 1.34 32.60
CA CYS B 24 -2.54 0.77 31.41
C CYS B 24 -1.92 1.84 30.53
N GLY B 25 -2.58 2.99 30.41
CA GLY B 25 -2.01 4.11 29.67
C GLY B 25 -0.76 4.66 30.32
N MET B 26 -0.78 4.80 31.65
CA MET B 26 0.43 5.20 32.38
C MET B 26 1.57 4.23 32.11
N LEU B 27 1.28 2.92 32.19
CA LEU B 27 2.29 1.89 31.95
C LEU B 27 2.87 2.00 30.55
N LEU B 28 2.00 2.07 29.54
CA LEU B 28 2.48 2.10 28.17
C LEU B 28 3.14 3.42 27.83
N TYR B 29 2.87 4.47 28.60
CA TYR B 29 3.51 5.74 28.36
C TYR B 29 4.85 5.89 29.06
N ALA B 30 5.02 5.21 30.20
CA ALA B 30 6.17 5.43 31.08
C ALA B 30 7.52 5.49 30.39
N TRP B 31 7.75 4.66 29.38
CA TRP B 31 9.10 4.45 28.85
C TRP B 31 9.71 5.74 28.30
N SER B 32 8.90 6.58 27.66
CA SER B 32 9.38 7.83 27.07
C SER B 32 9.94 8.78 28.11
N VAL B 33 9.37 8.73 29.33
CA VAL B 33 9.91 9.52 30.44
C VAL B 33 11.40 9.26 30.62
N PHE B 34 11.80 8.01 30.45
CA PHE B 34 13.16 7.58 30.76
C PHE B 34 14.12 7.73 29.59
N ILE B 35 13.68 8.20 28.44
CA ILE B 35 14.57 8.24 27.30
C ILE B 35 15.82 9.05 27.63
N LYS B 36 15.63 10.24 28.18
CA LYS B 36 16.80 11.05 28.47
C LYS B 36 17.50 10.65 29.77
N PRO B 37 16.80 10.34 30.86
CA PRO B 37 17.55 9.93 32.09
C PRO B 37 18.40 8.68 31.89
N LEU B 38 17.84 7.63 31.26
CA LEU B 38 18.63 6.44 31.00
C LEU B 38 19.76 6.73 30.01
N ASN B 39 19.54 7.67 29.08
CA ASN B 39 20.64 8.08 28.21
C ASN B 39 21.70 8.86 28.99
N ALA B 40 21.31 9.51 30.08
CA ALA B 40 22.27 10.23 30.92
C ALA B 40 23.12 9.28 31.73
N GLU B 41 22.50 8.27 32.34
CA GLU B 41 23.30 7.39 33.19
C GLU B 41 24.12 6.38 32.38
N PHE B 42 23.56 5.84 31.31
CA PHE B 42 24.23 4.82 30.53
C PHE B 42 24.45 5.30 29.09
N GLY B 43 25.25 4.53 28.33
CA GLY B 43 25.46 4.83 26.92
C GLY B 43 24.30 4.36 26.06
N TRP B 44 23.08 4.46 26.61
CA TRP B 44 21.89 3.84 26.02
C TRP B 44 21.16 4.82 25.11
N SER B 45 20.90 4.38 23.88
CA SER B 45 20.26 5.16 22.84
C SER B 45 18.75 5.30 23.07
N ARG B 46 18.12 6.15 22.28
CA ARG B 46 16.64 6.27 22.24
C ARG B 46 16.11 4.89 21.83
N ALA B 47 16.64 4.33 20.74
CA ALA B 47 16.11 3.05 20.26
C ALA B 47 16.31 1.93 21.28
N GLU B 48 17.42 1.95 22.03
CA GLU B 48 17.63 0.91 23.03
C GLU B 48 16.51 0.94 24.07
N ILE B 49 16.09 2.14 24.48
CA ILE B 49 14.97 2.28 25.41
C ILE B 49 13.66 1.94 24.72
N ALA B 50 13.55 2.28 23.44
CA ALA B 50 12.34 1.99 22.67
C ALA B 50 12.11 0.50 22.52
N MET B 51 13.18 -0.28 22.49
CA MET B 51 13.04 -1.73 22.41
C MET B 51 12.23 -2.26 23.59
N ALA B 52 12.41 -1.65 24.76
CA ALA B 52 11.65 -2.04 25.94
C ALA B 52 10.16 -1.81 25.75
N PHE B 53 9.80 -0.68 25.10
CA PHE B 53 8.40 -0.42 24.79
C PHE B 53 7.85 -1.44 23.80
N ALA B 54 8.64 -1.78 22.79
CA ALA B 54 8.18 -2.78 21.83
C ALA B 54 7.88 -4.11 22.51
N ILE B 55 8.79 -4.53 23.39
CA ILE B 55 8.57 -5.75 24.17
C ILE B 55 7.32 -5.64 25.03
N CYS B 56 7.12 -4.48 25.68
CA CYS B 56 5.94 -4.29 26.53
C CYS B 56 4.65 -4.46 25.72
N CYS B 57 4.60 -3.86 24.53
CA CYS B 57 3.39 -3.97 23.72
C CYS B 57 3.14 -5.40 23.27
N LEU B 58 4.21 -6.09 22.83
CA LEU B 58 4.04 -7.47 22.38
C LEU B 58 3.47 -8.34 23.49
N ILE B 59 4.13 -8.34 24.66
CA ILE B 59 3.70 -9.20 25.76
C ILE B 59 2.30 -8.80 26.23
N PHE B 60 2.03 -7.49 26.31
CA PHE B 60 0.72 -6.97 26.70
C PHE B 60 -0.38 -7.55 25.81
N GLY B 61 -0.23 -7.34 24.50
CA GLY B 61 -1.23 -7.85 23.57
C GLY B 61 -1.34 -9.35 23.55
N LEU B 62 -0.21 -10.05 23.70
CA LEU B 62 -0.29 -11.51 23.73
C LEU B 62 -1.04 -11.97 24.97
N MET B 63 -0.68 -11.42 26.12
CA MET B 63 -1.22 -11.82 27.41
C MET B 63 -2.67 -11.44 27.60
N THR B 64 -3.23 -10.57 26.76
CA THR B 64 -4.67 -10.35 26.82
C THR B 64 -5.43 -11.65 26.63
N PHE B 65 -4.97 -12.51 25.72
CA PHE B 65 -5.67 -13.75 25.40
C PHE B 65 -5.77 -14.71 26.59
N PRO B 66 -4.66 -15.15 27.20
CA PRO B 66 -4.82 -15.97 28.42
C PRO B 66 -5.58 -15.24 29.50
N ALA B 67 -5.42 -13.92 29.61
CA ALA B 67 -6.17 -13.15 30.59
C ALA B 67 -7.67 -13.26 30.35
N GLY B 68 -8.09 -13.25 29.09
CA GLY B 68 -9.52 -13.37 28.80
C GLY B 68 -10.04 -14.77 29.07
N ARG B 69 -9.27 -15.79 28.68
CA ARG B 69 -9.64 -17.16 29.04
C ARG B 69 -9.82 -17.29 30.55
N LEU B 70 -8.91 -16.72 31.32
CA LEU B 70 -8.97 -16.84 32.77
C LEU B 70 -10.06 -15.97 33.40
N SER B 71 -10.34 -14.79 32.85
CA SER B 71 -11.47 -14.01 33.37
C SER B 71 -12.79 -14.71 33.11
N ASP B 72 -12.92 -15.34 31.95
CA ASP B 72 -14.13 -16.10 31.65
C ASP B 72 -14.25 -17.33 32.54
N LYS B 73 -13.13 -18.05 32.79
CA LYS B 73 -13.18 -19.31 33.53
C LYS B 73 -13.27 -19.12 35.06
N MET B 74 -12.43 -18.24 35.63
CA MET B 74 -12.29 -18.09 37.08
C MET B 74 -12.62 -16.67 37.55
N GLY B 75 -13.38 -15.89 36.76
CA GLY B 75 -13.78 -14.57 37.16
C GLY B 75 -12.76 -13.51 36.81
N PRO B 76 -13.21 -12.26 36.61
CA PRO B 76 -12.27 -11.22 36.18
C PRO B 76 -11.41 -10.68 37.31
N ARG B 77 -11.85 -10.84 38.55
CA ARG B 77 -11.13 -10.25 39.67
C ARG B 77 -9.74 -10.86 39.85
N LYS B 78 -9.65 -12.20 39.89
CA LYS B 78 -8.34 -12.85 40.03
C LYS B 78 -7.40 -12.41 38.92
N VAL B 79 -7.89 -12.34 37.69
CA VAL B 79 -7.03 -11.97 36.58
C VAL B 79 -6.53 -10.54 36.74
N VAL B 80 -7.44 -9.62 37.07
CA VAL B 80 -7.05 -8.22 37.15
C VAL B 80 -6.10 -7.97 38.33
N MET B 81 -6.37 -8.61 39.46
CA MET B 81 -5.52 -8.36 40.62
C MET B 81 -4.16 -9.04 40.46
N THR B 82 -4.11 -10.21 39.83
CA THR B 82 -2.82 -10.81 39.48
C THR B 82 -2.05 -9.89 38.54
N GLY B 83 -2.75 -9.26 37.59
CA GLY B 83 -2.10 -8.29 36.72
C GLY B 83 -1.56 -7.11 37.48
N GLY B 84 -2.33 -6.60 38.45
CA GLY B 84 -1.83 -5.51 39.27
C GLY B 84 -0.58 -5.88 40.06
N VAL B 85 -0.57 -7.08 40.62
CA VAL B 85 0.61 -7.58 41.32
C VAL B 85 1.80 -7.65 40.37
N LEU B 86 1.61 -8.32 39.23
CA LEU B 86 2.70 -8.47 38.27
C LEU B 86 3.23 -7.12 37.82
N LEU B 87 2.33 -6.17 37.61
CA LEU B 87 2.75 -4.85 37.17
C LEU B 87 3.59 -4.16 38.24
N ALA B 88 3.10 -4.15 39.48
CA ALA B 88 3.87 -3.55 40.56
C ALA B 88 5.26 -4.19 40.64
N ILE B 89 5.31 -5.52 40.54
CA ILE B 89 6.58 -6.24 40.59
C ILE B 89 7.50 -5.74 39.49
N GLY B 90 7.02 -5.75 38.25
CA GLY B 90 7.88 -5.44 37.12
C GLY B 90 8.37 -4.01 37.15
N PHE B 91 7.49 -3.08 37.51
CA PHE B 91 7.86 -1.66 37.57
C PHE B 91 8.91 -1.43 38.65
N ILE B 92 8.66 -1.96 39.85
CA ILE B 92 9.58 -1.76 40.96
C ILE B 92 10.93 -2.43 40.67
N LEU B 93 10.91 -3.61 40.02
CA LEU B 93 12.16 -4.27 39.67
C LEU B 93 12.93 -3.49 38.61
N SER B 94 12.22 -2.92 37.62
CA SER B 94 12.85 -1.99 36.69
C SER B 94 13.56 -0.88 37.42
N GLY B 95 13.03 -0.49 38.58
CA GLY B 95 13.72 0.47 39.42
C GLY B 95 15.14 0.08 39.77
N PHE B 96 15.43 -1.23 39.83
CA PHE B 96 16.74 -1.71 40.28
C PHE B 96 17.64 -2.18 39.15
N ILE B 97 17.42 -1.75 37.91
CA ILE B 97 18.17 -2.34 36.79
C ILE B 97 19.56 -1.72 36.72
N GLN B 98 20.45 -2.40 35.98
CA GLN B 98 21.75 -1.86 35.61
C GLN B 98 22.11 -2.12 34.15
N SER B 99 21.38 -2.96 33.44
CA SER B 99 21.67 -3.31 32.06
C SER B 99 20.43 -3.12 31.23
N LYS B 100 20.62 -3.25 29.91
CA LYS B 100 19.50 -3.19 28.99
C LYS B 100 18.59 -4.39 29.20
N TYR B 101 19.16 -5.59 29.12
CA TYR B 101 18.37 -6.81 29.14
C TYR B 101 17.57 -6.91 30.42
N GLN B 102 18.13 -6.40 31.50
CA GLN B 102 17.39 -6.35 32.76
C GLN B 102 16.14 -5.51 32.60
N LEU B 103 16.25 -4.37 31.92
CA LEU B 103 15.08 -3.54 31.70
C LEU B 103 14.06 -4.25 30.81
N TYR B 104 14.52 -4.88 29.73
CA TYR B 104 13.60 -5.61 28.85
C TYR B 104 12.82 -6.66 29.63
N ILE B 105 13.49 -7.36 30.56
CA ILE B 105 12.82 -8.39 31.34
C ILE B 105 11.81 -7.78 32.30
N THR B 106 12.24 -6.80 33.09
CA THR B 106 11.39 -6.23 34.12
C THR B 106 10.24 -5.43 33.51
N TYR B 107 10.57 -4.45 32.67
CA TYR B 107 9.55 -3.59 32.10
C TYR B 107 8.78 -4.33 31.02
N GLY B 108 9.48 -4.94 30.07
CA GLY B 108 8.82 -5.62 28.97
C GLY B 108 7.98 -6.84 29.33
N VAL B 109 8.62 -7.84 29.92
CA VAL B 109 7.95 -9.13 30.10
C VAL B 109 7.03 -9.09 31.31
N ILE B 110 7.60 -8.80 32.49
CA ILE B 110 6.84 -8.83 33.73
C ILE B 110 5.71 -7.80 33.68
N ALA B 111 6.08 -6.52 33.56
CA ALA B 111 5.10 -5.45 33.61
C ALA B 111 4.11 -5.54 32.45
N GLY B 112 4.58 -5.94 31.27
CA GLY B 112 3.66 -6.05 30.13
C GLY B 112 2.67 -7.19 30.32
N PHE B 113 3.13 -8.31 30.87
CA PHE B 113 2.26 -9.41 31.25
C PHE B 113 1.13 -8.90 32.14
N GLY B 114 1.52 -8.25 33.25
CA GLY B 114 0.53 -7.70 34.16
C GLY B 114 -0.39 -6.69 33.48
N GLY B 115 0.15 -5.94 32.52
CA GLY B 115 -0.66 -4.95 31.84
C GLY B 115 -1.77 -5.59 31.03
N GLY B 116 -1.44 -6.65 30.29
CA GLY B 116 -2.48 -7.34 29.55
C GLY B 116 -3.55 -7.89 30.47
N MET B 117 -3.11 -8.46 31.61
CA MET B 117 -4.07 -9.00 32.57
C MET B 117 -4.96 -7.91 33.18
N ILE B 118 -4.45 -6.69 33.29
CA ILE B 118 -5.30 -5.58 33.73
C ILE B 118 -6.24 -5.13 32.61
N TYR B 119 -5.75 -5.04 31.38
CA TYR B 119 -6.50 -4.38 30.30
C TYR B 119 -7.72 -5.19 29.89
N LEU B 120 -7.57 -6.51 29.74
CA LEU B 120 -8.67 -7.18 29.03
C LEU B 120 -9.94 -7.41 29.86
N PRO B 121 -9.84 -7.96 31.07
CA PRO B 121 -11.05 -8.37 31.79
C PRO B 121 -12.05 -7.23 31.99
N PRO B 122 -11.60 -5.99 32.25
CA PRO B 122 -12.58 -4.90 32.30
C PRO B 122 -13.29 -4.69 30.98
N ILE B 123 -12.56 -4.76 29.87
CA ILE B 123 -13.20 -4.61 28.56
C ILE B 123 -14.23 -5.71 28.33
N ALA B 124 -13.95 -6.92 28.82
CA ALA B 124 -14.91 -8.00 28.63
C ALA B 124 -16.06 -7.95 29.62
N THR B 125 -15.86 -7.32 30.77
CA THR B 125 -16.83 -7.32 31.86
C THR B 125 -17.76 -6.11 31.83
N ALA B 126 -17.23 -4.91 31.55
CA ALA B 126 -18.04 -3.69 31.63
C ALA B 126 -19.26 -3.68 30.71
N PRO B 127 -19.18 -4.11 29.45
CA PRO B 127 -20.41 -4.15 28.62
C PRO B 127 -21.50 -5.06 29.16
N LYS B 128 -21.16 -6.06 29.98
CA LYS B 128 -22.17 -6.95 30.53
C LYS B 128 -23.19 -6.20 31.39
N TRP B 129 -22.79 -5.06 31.97
CA TRP B 129 -23.65 -4.19 32.76
C TRP B 129 -24.47 -3.20 31.93
N TRP B 130 -24.22 -3.09 30.62
CA TRP B 130 -24.87 -2.07 29.79
C TRP B 130 -25.20 -2.63 28.41
N PRO B 131 -26.17 -3.56 28.32
CA PRO B 131 -26.61 -4.05 27.00
C PRO B 131 -27.32 -2.99 26.18
N ASP B 132 -27.75 -1.90 26.80
CA ASP B 132 -28.31 -0.76 26.07
C ASP B 132 -27.21 0.17 25.55
N ARG B 133 -26.02 0.16 26.17
CA ARG B 133 -24.91 1.03 25.81
C ARG B 133 -23.58 0.25 25.84
N ARG B 134 -23.45 -0.79 25.01
CA ARG B 134 -22.31 -1.70 25.13
C ARG B 134 -21.01 -1.03 24.73
N ALA B 135 -21.03 -0.32 23.61
CA ALA B 135 -19.79 0.25 23.10
C ALA B 135 -19.31 1.38 24.00
N LEU B 136 -20.23 2.17 24.55
CA LEU B 136 -19.83 3.23 25.47
C LEU B 136 -19.21 2.65 26.74
N ALA B 137 -19.75 1.53 27.23
CA ALA B 137 -19.14 0.85 28.36
C ALA B 137 -17.73 0.39 28.02
N THR B 138 -17.57 -0.27 26.87
CA THR B 138 -16.23 -0.62 26.41
C THR B 138 -15.33 0.60 26.36
N GLY B 139 -15.88 1.74 25.92
CA GLY B 139 -15.10 2.97 25.82
C GLY B 139 -14.60 3.43 27.17
N PHE B 140 -15.43 3.28 28.21
CA PHE B 140 -14.94 3.55 29.56
C PHE B 140 -13.85 2.56 29.96
N ALA B 141 -13.92 1.32 29.43
CA ALA B 141 -12.88 0.33 29.70
C ALA B 141 -11.57 0.65 28.99
N VAL B 142 -11.58 1.47 27.93
CA VAL B 142 -10.38 1.72 27.15
C VAL B 142 -9.91 3.18 27.15
N VAL B 143 -10.68 4.14 27.70
CA VAL B 143 -10.30 5.55 27.57
C VAL B 143 -9.03 5.88 28.36
N GLY B 144 -8.74 5.12 29.41
CA GLY B 144 -7.56 5.37 30.18
C GLY B 144 -6.28 5.34 29.37
N LEU B 145 -6.27 4.64 28.24
CA LEU B 145 -5.04 4.61 27.44
C LEU B 145 -4.74 5.95 26.78
N GLY B 146 -5.78 6.71 26.39
CA GLY B 146 -5.55 8.07 25.95
C GLY B 146 -5.35 9.04 27.08
N LEU B 147 -5.77 8.69 28.30
CA LEU B 147 -5.60 9.59 29.44
C LEU B 147 -4.29 9.42 30.17
N GLY B 148 -3.64 8.26 30.01
CA GLY B 148 -2.49 7.93 30.83
C GLY B 148 -1.33 8.88 30.61
N SER B 149 -1.16 9.36 29.38
CA SER B 149 -0.13 10.35 29.12
C SER B 149 -0.35 11.60 29.96
N PHE B 150 -1.55 12.18 29.89
CA PHE B 150 -1.83 13.40 30.65
C PHE B 150 -1.67 13.18 32.15
N LEU B 151 -1.97 11.97 32.64
CA LEU B 151 -1.81 11.77 34.09
C LEU B 151 -0.36 11.53 34.49
N MET B 152 0.38 10.69 33.74
CA MET B 152 1.71 10.28 34.18
C MET B 152 2.78 11.29 33.85
N GLY B 153 2.72 11.91 32.67
CA GLY B 153 3.73 12.85 32.23
C GLY B 153 4.19 13.81 33.32
N PRO B 154 3.27 14.63 33.83
CA PRO B 154 3.66 15.55 34.91
C PRO B 154 4.15 14.85 36.18
N LEU B 155 3.57 13.70 36.52
CA LEU B 155 3.99 12.99 37.73
C LEU B 155 5.44 12.54 37.62
N ALA B 156 5.74 11.81 36.55
CA ALA B 156 7.09 11.33 36.34
C ALA B 156 8.07 12.50 36.17
N THR B 157 7.61 13.61 35.57
CA THR B 157 8.46 14.79 35.45
C THR B 157 8.84 15.35 36.82
N TYR B 158 7.84 15.53 37.70
CA TYR B 158 8.14 16.00 39.05
C TYR B 158 9.14 15.10 39.73
N ILE B 159 8.94 13.79 39.63
CA ILE B 159 9.76 12.88 40.42
C ILE B 159 11.21 12.86 39.93
N ILE B 160 11.44 12.92 38.62
CA ILE B 160 12.81 12.84 38.10
C ILE B 160 13.68 14.03 38.52
N GLY B 166 15.31 11.21 41.67
CA GLY B 166 15.73 10.63 40.40
C GLY B 166 14.65 9.85 39.68
N TRP B 167 15.03 9.20 38.57
CA TRP B 167 14.07 8.45 37.78
C TRP B 167 13.65 7.15 38.46
N ARG B 168 14.58 6.50 39.16
CA ARG B 168 14.21 5.31 39.93
C ARG B 168 13.08 5.61 40.90
N TYR B 169 13.02 6.84 41.42
CA TYR B 169 11.89 7.23 42.26
C TYR B 169 10.59 7.20 41.46
N VAL B 170 10.65 7.61 40.18
CA VAL B 170 9.49 7.47 39.31
C VAL B 170 9.03 6.02 39.28
N PHE B 171 9.97 5.10 39.01
CA PHE B 171 9.62 3.68 38.94
C PHE B 171 8.99 3.20 40.24
N TRP B 172 9.64 3.47 41.37
CA TRP B 172 9.16 2.92 42.63
C TRP B 172 7.79 3.49 43.00
N TYR B 173 7.67 4.82 43.08
CA TYR B 173 6.43 5.43 43.52
C TYR B 173 5.29 5.18 42.53
N CYS B 174 5.55 5.31 41.24
CA CYS B 174 4.49 5.05 40.28
C CYS B 174 4.12 3.57 40.24
N GLY B 175 5.04 2.66 40.54
CA GLY B 175 4.70 1.25 40.53
C GLY B 175 3.82 0.88 41.70
N VAL B 176 4.09 1.51 42.85
CA VAL B 176 3.15 1.43 43.97
C VAL B 176 1.79 1.98 43.55
N ALA B 177 1.78 3.18 42.95
CA ALA B 177 0.52 3.83 42.61
C ALA B 177 -0.29 2.99 41.63
N MET B 178 0.38 2.39 40.64
CA MET B 178 -0.31 1.59 39.65
C MET B 178 -0.77 0.27 40.24
N GLY B 179 0.06 -0.38 41.06
CA GLY B 179 -0.44 -1.54 41.77
C GLY B 179 -1.68 -1.23 42.56
N ILE B 180 -1.72 -0.05 43.21
CA ILE B 180 -2.87 0.34 44.01
C ILE B 180 -4.10 0.56 43.13
N MET B 181 -3.98 1.40 42.10
CA MET B 181 -5.13 1.67 41.24
C MET B 181 -5.66 0.39 40.60
N ALA B 182 -4.76 -0.52 40.25
CA ALA B 182 -5.16 -1.77 39.59
C ALA B 182 -5.83 -2.71 40.59
N LEU B 183 -5.34 -2.76 41.82
CA LEU B 183 -6.01 -3.59 42.79
C LEU B 183 -7.36 -3.00 43.19
N ILE B 184 -7.47 -1.67 43.22
CA ILE B 184 -8.76 -1.03 43.45
C ILE B 184 -9.74 -1.34 42.33
N ALA B 185 -9.26 -1.31 41.08
CA ALA B 185 -10.13 -1.63 39.96
C ALA B 185 -10.56 -3.11 40.00
N GLY B 186 -9.61 -4.02 40.13
CA GLY B 186 -9.92 -5.44 40.06
C GLY B 186 -10.60 -6.01 41.27
N ALA B 187 -10.48 -5.35 42.42
CA ALA B 187 -11.15 -5.82 43.62
C ALA B 187 -12.66 -5.76 43.45
N PHE B 188 -13.15 -4.68 42.83
CA PHE B 188 -14.58 -4.43 42.74
C PHE B 188 -15.18 -4.96 41.43
N LEU B 189 -14.50 -5.85 40.71
CA LEU B 189 -14.96 -6.29 39.39
C LEU B 189 -15.50 -7.71 39.42
N GLU B 190 -16.72 -7.88 38.91
CA GLU B 190 -17.38 -9.18 38.78
C GLU B 190 -18.47 -9.05 37.72
N PRO B 191 -18.72 -10.11 36.93
CA PRO B 191 -19.77 -10.12 35.89
C PRO B 191 -21.20 -10.08 36.44
N ARG B 217 -29.40 -16.46 22.31
CA ARG B 217 -28.27 -17.32 22.67
C ARG B 217 -26.97 -16.69 22.17
N ASP B 218 -25.84 -17.03 22.78
CA ASP B 218 -24.53 -16.53 22.37
C ASP B 218 -23.63 -17.65 21.85
N TRP B 219 -22.56 -17.25 21.18
CA TRP B 219 -21.54 -18.16 20.71
C TRP B 219 -20.55 -18.52 21.82
N THR B 220 -19.86 -19.64 21.67
CA THR B 220 -18.76 -20.01 22.54
C THR B 220 -17.43 -19.65 21.90
N TYR B 221 -16.38 -19.56 22.75
CA TYR B 221 -15.05 -19.23 22.24
C TYR B 221 -14.62 -20.21 21.15
N GLU B 222 -14.87 -21.51 21.36
CA GLU B 222 -14.48 -22.47 20.34
C GLU B 222 -15.24 -22.22 19.05
N GLU B 223 -16.48 -21.75 19.15
CA GLU B 223 -17.25 -21.48 17.95
C GLU B 223 -16.81 -20.19 17.28
N ALA B 224 -16.52 -19.14 18.07
CA ALA B 224 -16.14 -17.86 17.47
C ALA B 224 -14.74 -17.93 16.86
N LYS B 225 -13.79 -18.57 17.55
CA LYS B 225 -12.44 -18.72 17.04
C LYS B 225 -12.41 -19.39 15.67
N GLY B 226 -13.48 -20.09 15.28
CA GLY B 226 -13.48 -20.75 13.99
C GLY B 226 -14.22 -20.08 12.86
N ASP B 227 -14.89 -18.96 13.10
CA ASP B 227 -15.63 -18.30 12.02
C ASP B 227 -14.69 -17.49 11.16
N THR B 228 -15.02 -17.39 9.87
CA THR B 228 -14.23 -16.56 8.99
C THR B 228 -14.39 -15.07 9.31
N LYS B 229 -15.58 -14.66 9.79
CA LYS B 229 -15.81 -13.26 10.11
C LYS B 229 -14.87 -12.81 11.22
N PHE B 230 -14.56 -13.71 12.16
CA PHE B 230 -13.60 -13.42 13.22
C PHE B 230 -12.24 -13.06 12.65
N TRP B 231 -11.76 -13.84 11.68
CA TRP B 231 -10.44 -13.58 11.15
C TRP B 231 -10.42 -12.45 10.14
N LEU B 232 -11.55 -12.14 9.49
CA LEU B 232 -11.63 -10.89 8.77
C LEU B 232 -11.44 -9.71 9.73
N LEU B 233 -12.12 -9.77 10.88
CA LEU B 233 -11.94 -8.73 11.88
C LEU B 233 -10.51 -8.70 12.39
N TYR B 234 -9.92 -9.88 12.62
CA TYR B 234 -8.53 -9.96 13.05
C TYR B 234 -7.60 -9.30 12.03
N LEU B 235 -7.80 -9.60 10.74
CA LEU B 235 -6.99 -8.96 9.70
C LEU B 235 -7.18 -7.45 9.68
N ALA B 236 -8.43 -6.98 9.78
CA ALA B 236 -8.68 -5.54 9.78
C ALA B 236 -8.00 -4.86 10.97
N TYR B 237 -8.08 -5.49 12.14
CA TYR B 237 -7.43 -4.94 13.31
C TYR B 237 -5.94 -4.82 13.09
N PHE B 238 -5.30 -5.89 12.60
CA PHE B 238 -3.87 -5.79 12.34
C PHE B 238 -3.58 -4.66 11.38
N CYS B 239 -4.40 -4.53 10.32
CA CYS B 239 -4.14 -3.49 9.33
C CYS B 239 -4.20 -2.11 9.95
N GLY B 240 -5.30 -1.80 10.62
CA GLY B 240 -5.45 -0.45 11.14
C GLY B 240 -4.43 -0.16 12.22
N SER B 241 -4.28 -1.09 13.17
CA SER B 241 -3.29 -0.98 14.24
C SER B 241 -1.88 -0.75 13.70
N PHE B 242 -1.46 -1.58 12.73
CA PHE B 242 -0.11 -1.48 12.19
C PHE B 242 0.08 -0.13 11.50
N ALA B 243 -0.90 0.31 10.72
CA ALA B 243 -0.78 1.59 10.04
C ALA B 243 -0.63 2.72 11.03
N GLY B 244 -1.52 2.75 12.03
CA GLY B 244 -1.45 3.82 12.99
C GLY B 244 -0.10 3.83 13.67
N LEU B 245 0.33 2.68 14.18
CA LEU B 245 1.58 2.63 14.95
C LEU B 245 2.78 2.83 14.05
N MET B 246 2.59 2.73 12.75
CA MET B 246 3.68 2.94 11.83
C MET B 246 3.88 4.43 11.57
N VAL B 247 2.82 5.25 11.60
CA VAL B 247 2.97 6.67 11.27
C VAL B 247 2.92 7.58 12.48
N ILE B 248 2.21 7.19 13.54
CA ILE B 248 1.96 8.14 14.64
C ILE B 248 3.27 8.62 15.23
N GLY B 249 4.22 7.71 15.43
CA GLY B 249 5.47 8.24 15.97
C GLY B 249 6.23 9.13 15.01
N HIS B 250 5.82 9.20 13.75
CA HIS B 250 6.60 9.94 12.78
C HIS B 250 5.93 11.21 12.28
N LEU B 251 4.68 11.46 12.67
CA LEU B 251 4.01 12.70 12.25
C LEU B 251 4.86 13.94 12.52
N ALA B 252 5.41 14.05 13.73
CA ALA B 252 6.15 15.27 14.07
C ALA B 252 7.44 15.38 13.26
N GLY B 253 8.09 14.25 13.01
CA GLY B 253 9.25 14.30 12.13
C GLY B 253 8.85 14.72 10.73
N PHE B 254 7.72 14.23 10.24
CA PHE B 254 7.23 14.66 8.94
C PHE B 254 7.03 16.17 8.94
N GLY B 255 6.38 16.68 9.98
CA GLY B 255 6.18 18.12 10.06
C GLY B 255 7.48 18.88 10.01
N ARG B 256 8.42 18.55 10.92
CA ARG B 256 9.67 19.29 10.94
C ARG B 256 10.40 19.15 9.61
N ASP B 257 10.43 17.94 9.06
CA ASP B 257 11.09 17.69 7.78
C ASP B 257 10.38 18.43 6.65
N ALA B 258 9.08 18.69 6.79
CA ALA B 258 8.39 19.49 5.79
C ALA B 258 8.64 20.97 5.97
N GLY B 259 9.32 21.37 7.05
CA GLY B 259 9.76 22.74 7.25
C GLY B 259 9.28 23.42 8.53
N LEU B 260 8.39 22.83 9.33
CA LEU B 260 7.96 23.50 10.55
C LEU B 260 9.04 23.39 11.61
N THR B 261 9.05 24.33 12.55
CA THR B 261 9.91 24.17 13.71
C THR B 261 9.45 22.98 14.55
N ALA B 262 10.42 22.37 15.23
CA ALA B 262 10.13 21.24 16.10
C ALA B 262 9.05 21.63 17.10
N MET B 263 9.15 22.84 17.64
CA MET B 263 8.10 23.38 18.49
C MET B 263 6.77 23.29 17.79
N ALA B 264 6.70 23.81 16.56
CA ALA B 264 5.44 23.86 15.85
C ALA B 264 4.97 22.47 15.45
N ALA B 265 5.87 21.66 14.88
CA ALA B 265 5.47 20.34 14.41
C ALA B 265 4.96 19.50 15.56
N ALA B 266 5.68 19.51 16.68
CA ALA B 266 5.29 18.73 17.83
C ALA B 266 4.00 19.27 18.45
N GLY B 267 3.89 20.60 18.55
CA GLY B 267 2.66 21.18 19.05
C GLY B 267 1.47 20.73 18.22
N ALA B 268 1.59 20.82 16.90
CA ALA B 268 0.50 20.39 16.05
C ALA B 268 0.16 18.94 16.34
N VAL B 269 1.17 18.08 16.36
CA VAL B 269 0.88 16.66 16.52
C VAL B 269 0.25 16.37 17.87
N SER B 270 0.53 17.18 18.89
CA SER B 270 0.06 16.85 20.24
C SER B 270 -1.46 16.78 20.37
N SER B 271 -2.23 17.38 19.45
CA SER B 271 -3.69 17.28 19.55
C SER B 271 -4.19 15.86 19.35
N LEU B 272 -3.33 15.01 18.79
CA LEU B 272 -3.68 13.61 18.60
C LEU B 272 -4.03 12.95 19.93
N ALA B 273 -3.38 13.36 21.01
CA ALA B 273 -3.69 12.78 22.31
C ALA B 273 -5.12 13.07 22.72
N PHE B 274 -5.55 14.33 22.57
CA PHE B 274 -6.90 14.70 22.98
C PHE B 274 -7.93 13.92 22.20
N SER B 275 -7.74 13.84 20.88
CA SER B 275 -8.77 13.13 20.11
C SER B 275 -8.70 11.63 20.38
N ASN B 276 -7.50 11.07 20.57
CA ASN B 276 -7.36 9.66 20.91
C ASN B 276 -8.10 9.33 22.21
N ALA B 277 -8.07 10.25 23.16
CA ALA B 277 -8.86 10.05 24.36
C ALA B 277 -10.35 10.18 24.05
N ALA B 278 -10.75 11.29 23.43
CA ALA B 278 -12.16 11.58 23.25
C ALA B 278 -12.88 10.52 22.43
N THR B 279 -12.26 10.07 21.32
CA THR B 279 -12.94 9.14 20.43
C THR B 279 -13.33 7.84 21.12
N ARG B 280 -12.56 7.42 22.13
CA ARG B 280 -12.85 6.14 22.76
C ARG B 280 -14.23 6.15 23.40
N ILE B 281 -14.63 7.30 23.97
CA ILE B 281 -15.95 7.46 24.56
C ILE B 281 -16.97 7.82 23.49
N LEU B 282 -16.64 8.80 22.67
CA LEU B 282 -17.63 9.37 21.76
C LEU B 282 -18.02 8.36 20.69
N SER B 283 -17.05 7.69 20.05
CA SER B 283 -17.38 6.69 19.04
C SER B 283 -18.22 5.56 19.63
N GLY B 284 -17.90 5.15 20.86
CA GLY B 284 -18.69 4.11 21.50
C GLY B 284 -20.15 4.51 21.66
N TRP B 285 -20.37 5.72 22.15
CA TRP B 285 -21.75 6.19 22.26
C TRP B 285 -22.41 6.30 20.89
N PHE B 286 -21.70 6.85 19.90
CA PHE B 286 -22.26 7.01 18.55
C PHE B 286 -22.75 5.68 18.01
N VAL B 287 -21.89 4.66 18.01
CA VAL B 287 -22.29 3.39 17.42
C VAL B 287 -23.33 2.69 18.28
N ASP B 288 -23.32 2.92 19.60
CA ASP B 288 -24.43 2.43 20.41
C ASP B 288 -25.74 3.00 19.89
N LYS B 289 -25.72 4.25 19.43
CA LYS B 289 -26.93 4.88 18.95
C LYS B 289 -27.33 4.39 17.55
N ILE B 290 -26.39 4.34 16.61
CA ILE B 290 -26.73 4.15 15.19
C ILE B 290 -26.12 2.89 14.58
N GLY B 291 -25.40 2.07 15.34
CA GLY B 291 -24.80 0.88 14.76
C GLY B 291 -23.35 1.11 14.37
N ILE B 292 -22.64 0.01 14.15
CA ILE B 292 -21.19 0.00 14.05
C ILE B 292 -20.69 0.10 12.61
N ARG B 293 -21.17 -0.77 11.72
CA ARG B 293 -20.41 -1.12 10.52
C ARG B 293 -20.10 0.11 9.66
N VAL B 294 -21.10 0.93 9.39
CA VAL B 294 -20.93 2.00 8.42
C VAL B 294 -20.01 3.07 9.00
N TYR B 295 -20.23 3.46 10.26
CA TYR B 295 -19.33 4.41 10.92
C TYR B 295 -17.91 3.84 11.05
N PHE B 296 -17.79 2.56 11.40
CA PHE B 296 -16.47 1.93 11.50
C PHE B 296 -15.73 1.98 10.17
N ALA B 297 -16.38 1.51 9.10
CA ALA B 297 -15.78 1.55 7.76
C ALA B 297 -15.43 2.99 7.37
N ALA B 298 -16.28 3.95 7.74
CA ALA B 298 -15.97 5.32 7.39
C ALA B 298 -14.73 5.83 8.14
N LEU B 299 -14.58 5.49 9.43
CA LEU B 299 -13.39 5.91 10.17
C LEU B 299 -12.13 5.36 9.53
N PHE B 300 -12.17 4.09 9.11
CA PHE B 300 -11.02 3.54 8.37
C PHE B 300 -10.76 4.33 7.09
N ALA B 301 -11.82 4.67 6.35
CA ALA B 301 -11.65 5.42 5.12
C ALA B 301 -11.01 6.77 5.40
N LEU B 302 -11.51 7.45 6.41
CA LEU B 302 -10.97 8.74 6.77
C LEU B 302 -9.50 8.61 7.14
N GLN B 303 -9.12 7.48 7.76
CA GLN B 303 -7.71 7.28 8.09
C GLN B 303 -6.87 7.15 6.84
N THR B 304 -7.38 6.39 5.86
CA THR B 304 -6.73 6.29 4.54
C THR B 304 -6.51 7.67 3.93
N ALA B 305 -7.58 8.46 3.93
CA ALA B 305 -7.48 9.81 3.41
C ALA B 305 -6.39 10.58 4.15
N ALA B 306 -6.31 10.41 5.47
CA ALA B 306 -5.38 11.22 6.27
C ALA B 306 -3.95 10.86 5.93
N MET B 307 -3.67 9.56 5.81
CA MET B 307 -2.33 9.15 5.42
C MET B 307 -1.94 9.74 4.07
N ILE B 308 -2.91 9.91 3.16
CA ILE B 308 -2.57 10.57 1.91
C ILE B 308 -2.48 12.07 2.09
N ALA B 309 -3.40 12.65 2.85
CA ALA B 309 -3.55 14.10 2.88
C ALA B 309 -2.38 14.80 3.56
N ILE B 310 -1.67 14.11 4.46
CA ILE B 310 -0.58 14.78 5.17
C ILE B 310 0.44 15.31 4.16
N PHE B 311 0.55 14.70 2.99
CA PHE B 311 1.53 15.17 2.02
C PHE B 311 1.18 16.53 1.44
N GLN B 312 -0.05 16.99 1.62
CA GLN B 312 -0.36 18.37 1.26
C GLN B 312 -0.58 19.23 2.50
N LEU B 313 -1.05 18.65 3.59
CA LEU B 313 -1.34 19.43 4.78
C LEU B 313 -0.18 19.49 5.75
N GLY B 314 0.82 18.63 5.60
CA GLY B 314 1.83 18.55 6.64
C GLY B 314 2.74 19.77 6.74
N GLY B 315 2.57 20.77 5.87
CA GLY B 315 3.43 21.92 5.85
C GLY B 315 2.91 23.13 6.60
N SER B 316 1.80 23.00 7.32
CA SER B 316 1.28 24.11 8.12
C SER B 316 0.79 23.55 9.44
N VAL B 317 0.93 24.37 10.49
CA VAL B 317 0.50 23.94 11.82
C VAL B 317 -0.97 23.55 11.84
N VAL B 318 -1.81 24.32 11.14
CA VAL B 318 -3.24 23.97 11.15
C VAL B 318 -3.47 22.66 10.43
N GLY B 319 -2.84 22.50 9.26
CA GLY B 319 -3.03 21.26 8.51
C GLY B 319 -2.53 20.05 9.26
N LEU B 320 -1.28 20.12 9.75
CA LEU B 320 -0.74 19.00 10.51
C LEU B 320 -1.60 18.73 11.75
N SER B 321 -2.12 19.80 12.37
CA SER B 321 -3.01 19.63 13.52
C SER B 321 -4.22 18.80 13.13
N ILE B 322 -4.81 19.13 11.98
CA ILE B 322 -5.99 18.41 11.53
C ILE B 322 -5.66 16.97 11.23
N VAL B 323 -4.56 16.75 10.52
CA VAL B 323 -4.17 15.38 10.20
C VAL B 323 -4.00 14.61 11.48
N ALA B 324 -3.33 15.22 12.47
CA ALA B 324 -3.09 14.55 13.74
C ALA B 324 -4.39 14.26 14.46
N ILE B 325 -5.32 15.22 14.47
CA ILE B 325 -6.60 15.03 15.16
C ILE B 325 -7.37 13.90 14.54
N VAL B 326 -7.45 13.88 13.20
CA VAL B 326 -8.18 12.85 12.49
C VAL B 326 -7.57 11.49 12.74
N ILE B 327 -6.24 11.39 12.59
CA ILE B 327 -5.57 10.11 12.77
C ILE B 327 -5.85 9.57 14.15
N GLY B 328 -5.76 10.43 15.15
CA GLY B 328 -6.05 9.99 16.50
C GLY B 328 -7.48 9.52 16.64
N TRP B 329 -8.41 10.22 16.00
CA TRP B 329 -9.81 9.84 16.16
C TRP B 329 -10.05 8.44 15.62
N ASN B 330 -9.55 8.18 14.41
CA ASN B 330 -9.79 6.86 13.82
C ASN B 330 -9.00 5.78 14.56
N TYR B 331 -7.75 6.07 14.90
CA TYR B 331 -6.91 5.12 15.64
C TYR B 331 -7.56 4.73 16.95
N GLY B 332 -7.84 5.73 17.80
CA GLY B 332 -8.47 5.43 19.07
C GLY B 332 -9.82 4.74 18.93
N ALA B 333 -10.60 5.10 17.90
CA ALA B 333 -11.91 4.47 17.77
C ALA B 333 -11.80 2.97 17.55
N MET B 334 -10.73 2.51 16.86
CA MET B 334 -10.60 1.07 16.64
C MET B 334 -10.76 0.29 17.95
N PHE B 335 -10.17 0.78 19.03
CA PHE B 335 -10.12 0.02 20.28
C PHE B 335 -11.45 0.01 21.02
N THR B 336 -12.44 0.76 20.54
CA THR B 336 -13.82 0.58 20.99
C THR B 336 -14.62 -0.22 19.99
N LEU B 337 -14.41 0.03 18.70
CA LEU B 337 -15.31 -0.52 17.69
C LEU B 337 -15.03 -2.00 17.45
N PHE B 338 -13.75 -2.41 17.47
CA PHE B 338 -13.47 -3.85 17.35
C PHE B 338 -14.00 -4.66 18.52
N PRO B 339 -13.80 -4.30 19.79
CA PRO B 339 -14.51 -5.06 20.83
C PRO B 339 -16.02 -4.93 20.68
N ALA B 340 -16.51 -3.76 20.27
CA ALA B 340 -17.95 -3.61 20.07
C ALA B 340 -18.45 -4.50 18.95
N THR B 341 -17.75 -4.51 17.82
CA THR B 341 -18.15 -5.39 16.72
C THR B 341 -18.08 -6.85 17.12
N CYS B 342 -17.01 -7.23 17.80
CA CYS B 342 -16.88 -8.61 18.29
C CYS B 342 -18.05 -8.97 19.18
N LEU B 343 -18.46 -8.02 20.02
CA LEU B 343 -19.63 -8.19 20.88
C LEU B 343 -20.90 -8.38 20.06
N GLN B 344 -21.06 -7.58 19.01
CA GLN B 344 -22.23 -7.70 18.15
C GLN B 344 -22.25 -9.05 17.44
N PHE B 345 -21.08 -9.50 16.97
CA PHE B 345 -21.04 -10.73 16.18
C PHE B 345 -21.30 -11.95 17.04
N TYR B 346 -20.65 -12.05 18.19
CA TYR B 346 -20.64 -13.33 18.91
C TYR B 346 -21.28 -13.31 20.28
N GLY B 347 -21.59 -12.14 20.85
CA GLY B 347 -22.21 -12.09 22.15
C GLY B 347 -21.21 -12.07 23.29
N PRO B 348 -21.70 -11.69 24.47
CA PRO B 348 -20.79 -11.37 25.59
C PRO B 348 -20.25 -12.56 26.39
N THR B 349 -20.85 -13.75 26.27
CA THR B 349 -20.52 -14.83 27.19
C THR B 349 -19.01 -15.11 27.16
N ALA B 350 -18.45 -15.31 25.98
CA ALA B 350 -17.03 -15.58 25.87
C ALA B 350 -16.25 -14.35 25.41
N GLN B 351 -16.78 -13.16 25.67
CA GLN B 351 -16.15 -11.95 25.16
C GLN B 351 -14.72 -11.82 25.65
N GLY B 352 -14.43 -12.28 26.86
CA GLY B 352 -13.07 -12.26 27.35
C GLY B 352 -12.13 -12.98 26.40
N SER B 353 -12.42 -14.26 26.15
CA SER B 353 -11.56 -15.06 25.28
C SER B 353 -11.60 -14.56 23.84
N ASN B 354 -12.81 -14.28 23.32
CA ASN B 354 -12.95 -13.80 21.95
C ASN B 354 -12.09 -12.57 21.69
N TYR B 355 -12.30 -11.53 22.48
CA TYR B 355 -11.59 -10.30 22.22
C TYR B 355 -10.12 -10.38 22.66
N GLY B 356 -9.75 -11.24 23.61
CA GLY B 356 -8.33 -11.45 23.86
C GLY B 356 -7.61 -12.05 22.66
N LEU B 357 -8.18 -13.11 22.11
CA LEU B 357 -7.67 -13.64 20.85
C LEU B 357 -7.62 -12.55 19.81
N LEU B 358 -8.68 -11.73 19.73
CA LEU B 358 -8.71 -10.68 18.72
C LEU B 358 -7.62 -9.62 18.94
N PHE B 359 -7.33 -9.29 20.19
CA PHE B 359 -6.39 -8.22 20.50
C PHE B 359 -4.94 -8.63 20.32
N THR B 360 -4.67 -9.95 20.28
CA THR B 360 -3.31 -10.35 19.92
C THR B 360 -2.87 -9.73 18.58
N ALA B 361 -3.82 -9.40 17.70
CA ALA B 361 -3.51 -8.63 16.50
C ALA B 361 -2.75 -7.35 16.84
N CYS B 362 -3.28 -6.61 17.82
CA CYS B 362 -2.60 -5.40 18.28
C CYS B 362 -1.24 -5.74 18.88
N GLY B 363 -1.15 -6.87 19.55
CA GLY B 363 0.16 -7.24 20.08
C GLY B 363 1.23 -7.28 18.99
N LEU B 364 0.93 -7.97 17.89
CA LEU B 364 1.91 -8.07 16.82
C LEU B 364 2.16 -6.72 16.16
N ALA B 365 1.08 -5.96 15.92
CA ALA B 365 1.24 -4.62 15.36
C ALA B 365 2.05 -3.71 16.28
N GLY B 366 1.82 -3.78 17.59
CA GLY B 366 2.57 -2.95 18.52
C GLY B 366 4.03 -3.30 18.56
N PHE B 367 4.36 -4.59 18.43
CA PHE B 367 5.78 -4.94 18.38
C PHE B 367 6.43 -4.39 17.12
N ALA B 368 5.78 -4.57 15.97
CA ALA B 368 6.48 -4.42 14.70
C ALA B 368 6.31 -3.07 14.03
N GLY B 369 5.15 -2.42 14.16
CA GLY B 369 4.81 -1.26 13.37
C GLY B 369 5.79 -0.11 13.37
N PRO B 370 6.11 0.43 14.55
CA PRO B 370 7.02 1.58 14.59
C PRO B 370 8.37 1.28 13.98
N TRP B 371 8.93 0.09 14.27
CA TRP B 371 10.20 -0.28 13.66
C TRP B 371 10.09 -0.29 12.14
N VAL B 372 9.04 -0.92 11.62
CA VAL B 372 8.88 -1.05 10.17
C VAL B 372 8.74 0.32 9.51
N GLY B 373 7.95 1.20 10.12
CA GLY B 373 7.84 2.55 9.58
C GLY B 373 9.17 3.26 9.56
N GLY B 374 9.91 3.18 10.69
CA GLY B 374 11.19 3.83 10.74
C GLY B 374 12.14 3.28 9.69
N TRP B 375 12.07 1.95 9.50
CA TRP B 375 12.93 1.29 8.54
C TRP B 375 12.60 1.70 7.11
N LEU B 376 11.32 1.80 6.76
CA LEU B 376 10.95 2.24 5.41
C LEU B 376 11.44 3.67 5.16
N LYS B 377 11.29 4.55 6.15
CA LYS B 377 11.80 5.91 5.96
C LYS B 377 13.32 5.91 5.76
N ASP B 378 14.07 5.34 6.70
CA ASP B 378 15.53 5.41 6.62
C ASP B 378 16.06 4.72 5.37
N THR B 379 15.35 3.71 4.90
CA THR B 379 15.67 3.08 3.62
C THR B 379 15.52 4.07 2.47
N THR B 380 14.33 4.66 2.32
CA THR B 380 14.12 5.52 1.16
C THR B 380 14.57 6.95 1.39
N GLY B 381 14.81 7.33 2.64
CA GLY B 381 15.10 8.72 2.99
C GLY B 381 13.89 9.62 2.97
N THR B 382 12.70 9.07 2.79
CA THR B 382 11.49 9.86 2.67
C THR B 382 10.37 9.22 3.47
N TYR B 383 9.30 9.98 3.66
CA TYR B 383 8.12 9.50 4.37
C TYR B 383 7.11 8.89 3.44
N TYR B 384 7.36 8.93 2.13
CA TYR B 384 6.40 8.42 1.18
C TYR B 384 6.09 6.95 1.44
N LEU B 385 7.13 6.11 1.59
CA LEU B 385 6.89 4.69 1.75
C LEU B 385 6.06 4.36 2.99
N PRO B 386 6.44 4.80 4.19
CA PRO B 386 5.67 4.40 5.37
C PRO B 386 4.23 4.84 5.31
N PHE B 387 4.00 6.08 4.87
CA PHE B 387 2.62 6.55 4.83
C PHE B 387 1.85 5.88 3.71
N LEU B 388 2.50 5.59 2.60
CA LEU B 388 1.84 4.86 1.52
C LEU B 388 1.43 3.47 1.99
N CYS B 389 2.30 2.80 2.73
CA CYS B 389 1.95 1.48 3.24
C CYS B 389 0.82 1.59 4.28
N ALA B 390 0.90 2.56 5.18
CA ALA B 390 -0.16 2.74 6.17
C ALA B 390 -1.51 2.98 5.50
N ALA B 391 -1.53 3.86 4.48
CA ALA B 391 -2.76 4.11 3.74
C ALA B 391 -3.25 2.83 3.05
N ALA B 392 -2.34 2.06 2.44
CA ALA B 392 -2.76 0.82 1.81
C ALA B 392 -3.45 -0.09 2.82
N LEU B 393 -2.82 -0.26 3.99
CA LEU B 393 -3.39 -1.11 5.04
C LEU B 393 -4.75 -0.59 5.52
N CYS B 394 -4.89 0.73 5.65
CA CYS B 394 -6.19 1.24 6.04
C CYS B 394 -7.25 1.01 4.96
N ALA B 395 -6.86 1.04 3.68
CA ALA B 395 -7.83 0.77 2.61
C ALA B 395 -8.31 -0.67 2.66
N LEU B 396 -7.37 -1.61 2.79
CA LEU B 396 -7.77 -3.00 2.96
C LEU B 396 -8.73 -3.13 4.15
N GLY B 397 -8.42 -2.44 5.25
CA GLY B 397 -9.28 -2.51 6.41
C GLY B 397 -10.65 -1.89 6.18
N THR B 398 -10.71 -0.75 5.49
CA THR B 398 -11.99 -0.18 5.14
C THR B 398 -12.84 -1.20 4.42
N ALA B 399 -12.25 -1.84 3.42
CA ALA B 399 -12.99 -2.85 2.67
C ALA B 399 -13.46 -3.97 3.59
N ILE B 400 -12.56 -4.49 4.41
CA ILE B 400 -12.92 -5.63 5.27
C ILE B 400 -14.03 -5.22 6.22
N VAL B 401 -13.87 -4.10 6.91
CA VAL B 401 -14.85 -3.69 7.91
C VAL B 401 -16.19 -3.40 7.26
N PHE B 402 -16.18 -2.80 6.07
CA PHE B 402 -17.43 -2.50 5.40
C PHE B 402 -18.11 -3.76 4.90
N MET B 403 -17.33 -4.72 4.42
CA MET B 403 -17.89 -5.92 3.80
C MET B 403 -18.26 -7.02 4.79
N THR B 404 -17.88 -6.88 6.06
CA THR B 404 -18.10 -7.98 7.01
C THR B 404 -19.34 -7.78 7.88
N LYS B 405 -20.36 -8.60 7.65
CA LYS B 405 -21.64 -8.57 8.39
C LYS B 405 -21.71 -9.79 9.31
N PRO B 406 -22.56 -9.78 10.36
CA PRO B 406 -22.67 -10.91 11.28
C PRO B 406 -22.81 -12.26 10.58
#